data_1H21
#
_entry.id   1H21
#
_cell.length_a   96.060
_cell.length_b   100.130
_cell.length_c   109.300
_cell.angle_alpha   90.00
_cell.angle_beta   90.00
_cell.angle_gamma   90.00
#
_symmetry.space_group_name_H-M   'P 21 21 21'
#
loop_
_entity.id
_entity.type
_entity.pdbx_description
1 polymer 'SPLIT-SORET CYTOCHROME C'
2 non-polymer 'HEME C'
3 water water
#
_entity_poly.entity_id   1
_entity_poly.type   'polypeptide(L)'
_entity_poly.pdbx_seq_one_letter_code
;GEAQPASGRFDQVGGAFGWKPHKLDPKECAQVAYDGYWYKGFGCGFGAFYSIVGLMGEKYGAPYNQFPFAMLEANKGGIS
DWGTICGALYGAAATFSLFWGRKEVHPMVNELFRWYEVTKLPIFNPGDAAQGVKGDLPMSASDSVLCHISVSKWCYENKI
EATSKQRSERCGRLTADAAFKAAEIINTKIDQGKDFKSTFPMQASVSSCGECHMTKGNDANWAKGIMDCTPCHSGTAATQ
NKFVNHP
;
_entity_poly.pdbx_strand_id   A,B,C,D
#
loop_
_chem_comp.id
_chem_comp.type
_chem_comp.name
_chem_comp.formula
HEC non-polymer 'HEME C' 'C34 H34 Fe N4 O4'
#
# COMPACT_ATOMS: atom_id res chain seq x y z
N GLY A 8 -13.40 -1.34 -4.18
CA GLY A 8 -11.96 -1.63 -4.36
C GLY A 8 -11.51 -2.78 -3.47
N ARG A 9 -10.19 -2.94 -3.36
CA ARG A 9 -9.62 -3.97 -2.52
C ARG A 9 -10.01 -3.80 -1.04
N PHE A 10 -10.19 -4.94 -0.35
CA PHE A 10 -10.55 -5.02 1.07
C PHE A 10 -12.01 -4.83 1.37
N ASP A 11 -12.77 -4.35 0.40
CA ASP A 11 -14.19 -4.15 0.65
C ASP A 11 -14.94 -5.44 0.32
N GLN A 12 -16.26 -5.46 0.54
CA GLN A 12 -17.03 -6.67 0.25
C GLN A 12 -18.47 -6.37 -0.12
N VAL A 13 -19.09 -7.35 -0.77
CA VAL A 13 -20.50 -7.25 -1.17
C VAL A 13 -21.31 -6.98 0.10
N GLY A 14 -22.13 -5.94 0.04
CA GLY A 14 -22.98 -5.59 1.18
C GLY A 14 -22.31 -4.67 2.19
N GLY A 15 -20.99 -4.51 2.05
CA GLY A 15 -20.25 -3.67 2.96
C GLY A 15 -19.92 -4.40 4.25
N ALA A 16 -18.92 -3.88 4.96
CA ALA A 16 -18.48 -4.44 6.20
C ALA A 16 -19.59 -4.33 7.24
N PHE A 17 -19.97 -5.47 7.84
CA PHE A 17 -21.01 -5.53 8.87
C PHE A 17 -22.36 -5.04 8.34
N GLY A 18 -22.58 -5.19 7.04
CA GLY A 18 -23.80 -4.73 6.44
C GLY A 18 -24.99 -5.68 6.35
N TRP A 19 -24.89 -6.86 6.95
CA TRP A 19 -26.01 -7.79 6.92
C TRP A 19 -27.08 -7.32 7.93
N LYS A 20 -28.34 -7.68 7.67
CA LYS A 20 -29.45 -7.31 8.57
C LYS A 20 -29.67 -8.41 9.61
N PRO A 21 -29.48 -8.07 10.90
CA PRO A 21 -29.68 -9.10 11.92
C PRO A 21 -31.17 -9.43 12.06
N HIS A 22 -31.48 -10.66 12.45
CA HIS A 22 -32.87 -11.09 12.62
C HIS A 22 -32.91 -11.79 13.97
N LYS A 23 -33.94 -11.54 14.77
CA LYS A 23 -34.06 -12.24 16.05
C LYS A 23 -34.10 -13.76 15.81
N LEU A 24 -33.65 -14.53 16.79
CA LEU A 24 -33.63 -15.98 16.63
C LEU A 24 -34.40 -16.69 17.73
N ASP A 25 -34.64 -17.98 17.54
CA ASP A 25 -35.31 -18.78 18.54
C ASP A 25 -34.20 -19.59 19.18
N PRO A 26 -33.72 -19.18 20.37
CA PRO A 26 -32.65 -19.90 21.07
C PRO A 26 -32.87 -21.44 21.12
N LYS A 27 -34.08 -21.88 21.47
CA LYS A 27 -34.39 -23.31 21.56
C LYS A 27 -34.15 -23.97 20.20
N GLU A 28 -34.62 -23.32 19.13
CA GLU A 28 -34.45 -23.83 17.79
C GLU A 28 -32.94 -23.92 17.49
N CYS A 29 -32.22 -22.86 17.86
CA CYS A 29 -30.78 -22.79 17.65
C CYS A 29 -30.00 -23.89 18.36
N ALA A 30 -30.28 -24.09 19.64
CA ALA A 30 -29.58 -25.11 20.40
C ALA A 30 -29.71 -26.45 19.69
N GLN A 31 -30.93 -26.68 19.23
CA GLN A 31 -31.32 -27.89 18.53
C GLN A 31 -30.57 -28.14 17.22
N VAL A 32 -30.69 -27.17 16.31
CA VAL A 32 -30.02 -27.25 15.00
C VAL A 32 -28.49 -27.35 15.15
N ALA A 33 -27.94 -26.63 16.14
CA ALA A 33 -26.49 -26.64 16.42
C ALA A 33 -26.08 -28.06 16.78
N TYR A 34 -26.84 -28.69 17.67
CA TYR A 34 -26.57 -30.06 18.09
C TYR A 34 -26.62 -31.00 16.86
N ASP A 35 -27.61 -30.80 16.00
CA ASP A 35 -27.75 -31.63 14.80
C ASP A 35 -26.61 -31.34 13.81
N GLY A 36 -26.32 -30.06 13.66
CA GLY A 36 -25.26 -29.64 12.77
C GLY A 36 -23.93 -30.24 13.14
N TYR A 37 -23.69 -30.38 14.45
CA TYR A 37 -22.46 -30.93 14.98
C TYR A 37 -22.13 -32.31 14.40
N TRP A 38 -23.15 -33.17 14.31
CA TRP A 38 -22.97 -34.51 13.78
C TRP A 38 -22.93 -34.56 12.26
N TYR A 39 -23.62 -33.65 11.59
CA TYR A 39 -23.68 -33.63 10.13
C TYR A 39 -22.32 -33.74 9.43
N LYS A 40 -22.14 -34.85 8.73
CA LYS A 40 -20.89 -35.11 8.01
C LYS A 40 -19.66 -34.99 8.93
N GLY A 41 -19.93 -35.05 10.23
CA GLY A 41 -18.89 -34.94 11.25
C GLY A 41 -18.22 -33.59 11.25
N PHE A 42 -18.94 -32.54 10.79
CA PHE A 42 -18.40 -31.19 10.71
C PHE A 42 -18.01 -30.54 12.05
N GLY A 43 -18.74 -30.84 13.12
CA GLY A 43 -18.35 -30.34 14.43
C GLY A 43 -18.90 -29.08 15.06
N CYS A 44 -18.28 -28.73 16.21
CA CYS A 44 -18.66 -27.59 17.04
C CYS A 44 -18.82 -26.28 16.31
N GLY A 45 -17.83 -25.90 15.52
CA GLY A 45 -17.94 -24.63 14.82
C GLY A 45 -19.04 -24.61 13.78
N PHE A 46 -19.14 -25.68 13.02
CA PHE A 46 -20.14 -25.76 11.97
C PHE A 46 -21.55 -25.73 12.56
N GLY A 47 -21.85 -26.64 13.47
CA GLY A 47 -23.17 -26.65 14.09
C GLY A 47 -23.61 -25.31 14.66
N ALA A 48 -22.76 -24.68 15.46
CA ALA A 48 -23.10 -23.40 16.06
C ALA A 48 -23.25 -22.32 15.01
N PHE A 49 -22.28 -22.20 14.11
CA PHE A 49 -22.36 -21.17 13.08
C PHE A 49 -23.65 -21.32 12.29
N TYR A 50 -23.86 -22.52 11.77
CA TYR A 50 -25.06 -22.76 11.00
C TYR A 50 -26.35 -22.46 11.77
N SER A 51 -26.44 -22.88 13.03
CA SER A 51 -27.65 -22.63 13.78
C SER A 51 -28.03 -21.15 13.82
N ILE A 52 -27.08 -20.28 13.48
CA ILE A 52 -27.35 -18.86 13.51
C ILE A 52 -27.54 -18.28 12.11
N VAL A 53 -26.51 -18.37 11.29
CA VAL A 53 -26.55 -17.84 9.94
C VAL A 53 -27.24 -18.82 9.01
N GLY A 54 -27.14 -20.11 9.34
CA GLY A 54 -27.77 -21.12 8.52
C GLY A 54 -29.29 -21.03 8.62
N LEU A 55 -29.79 -20.83 9.84
CA LEU A 55 -31.22 -20.71 10.04
C LEU A 55 -31.74 -19.39 9.47
N MET A 56 -30.95 -18.34 9.53
CA MET A 56 -31.35 -17.06 8.94
C MET A 56 -31.44 -17.24 7.40
N GLY A 57 -30.60 -18.12 6.86
CA GLY A 57 -30.62 -18.36 5.42
C GLY A 57 -31.86 -19.12 4.97
N GLU A 58 -32.24 -20.15 5.72
CA GLU A 58 -33.43 -20.95 5.42
C GLU A 58 -34.72 -20.11 5.44
N LYS A 59 -34.81 -19.19 6.41
CA LYS A 59 -35.99 -18.32 6.57
C LYS A 59 -36.00 -17.04 5.72
N TYR A 60 -34.86 -16.38 5.59
CA TYR A 60 -34.82 -15.12 4.84
C TYR A 60 -33.95 -15.10 3.58
N GLY A 61 -33.49 -16.25 3.14
CA GLY A 61 -32.65 -16.30 1.93
C GLY A 61 -31.30 -15.61 2.01
N ALA A 62 -30.92 -14.94 0.94
CA ALA A 62 -29.64 -14.22 0.83
C ALA A 62 -29.57 -13.01 1.75
N PRO A 63 -28.36 -12.57 2.14
CA PRO A 63 -27.05 -13.13 1.76
C PRO A 63 -26.67 -14.37 2.59
N TYR A 64 -27.35 -14.52 3.74
CA TYR A 64 -27.14 -15.62 4.68
C TYR A 64 -26.99 -16.97 4.03
N ASN A 65 -27.90 -17.30 3.11
CA ASN A 65 -27.84 -18.60 2.47
C ASN A 65 -26.78 -18.77 1.36
N GLN A 66 -25.91 -17.79 1.22
CA GLN A 66 -24.84 -17.87 0.20
C GLN A 66 -23.49 -18.20 0.86
N PHE A 67 -23.50 -18.33 2.19
CA PHE A 67 -22.28 -18.61 2.94
C PHE A 67 -21.75 -20.05 2.79
N PRO A 68 -20.42 -20.21 2.62
CA PRO A 68 -19.79 -21.54 2.48
C PRO A 68 -19.67 -22.17 3.90
N PHE A 69 -20.79 -22.66 4.42
CA PHE A 69 -20.86 -23.20 5.78
C PHE A 69 -19.80 -24.18 6.25
N ALA A 70 -19.47 -25.16 5.42
CA ALA A 70 -18.48 -26.15 5.80
C ALA A 70 -17.12 -25.55 6.11
N MET A 71 -16.91 -24.28 5.76
CA MET A 71 -15.64 -23.63 6.07
C MET A 71 -15.42 -23.72 7.58
N LEU A 72 -16.53 -23.75 8.33
CA LEU A 72 -16.44 -23.84 9.78
C LEU A 72 -16.03 -25.20 10.31
N GLU A 73 -15.81 -26.15 9.41
CA GLU A 73 -15.33 -27.46 9.83
C GLU A 73 -13.89 -27.23 10.37
N ALA A 74 -13.27 -26.16 9.87
CA ALA A 74 -11.93 -25.75 10.24
C ALA A 74 -11.74 -25.66 11.75
N ASN A 75 -12.82 -25.34 12.46
CA ASN A 75 -12.76 -25.17 13.89
C ASN A 75 -12.98 -26.42 14.73
N LYS A 76 -13.18 -27.55 14.07
CA LYS A 76 -13.41 -28.77 14.83
C LYS A 76 -12.16 -29.08 15.67
N GLY A 77 -12.38 -29.51 16.91
CA GLY A 77 -11.30 -29.87 17.80
C GLY A 77 -10.34 -28.73 18.15
N GLY A 78 -10.86 -27.51 18.13
CA GLY A 78 -10.03 -26.36 18.41
C GLY A 78 -9.10 -26.08 17.25
N ILE A 79 -9.58 -26.36 16.04
CA ILE A 79 -8.85 -26.18 14.76
C ILE A 79 -7.93 -27.40 14.49
N SER A 80 -8.47 -28.38 13.78
CA SER A 80 -7.74 -29.58 13.46
C SER A 80 -7.06 -30.23 14.65
N ASP A 81 -7.80 -30.39 15.74
CA ASP A 81 -7.31 -31.01 16.98
C ASP A 81 -6.19 -30.30 17.70
N TRP A 82 -6.00 -29.03 17.42
CA TRP A 82 -4.95 -28.32 18.12
C TRP A 82 -5.42 -27.87 19.51
N GLY A 83 -6.70 -28.14 19.81
CA GLY A 83 -7.27 -27.79 21.09
C GLY A 83 -7.21 -26.34 21.52
N THR A 84 -7.27 -25.41 20.57
CA THR A 84 -7.23 -24.00 20.94
C THR A 84 -8.67 -23.53 21.29
N ILE A 85 -9.12 -22.42 20.70
CA ILE A 85 -10.45 -21.91 20.96
C ILE A 85 -11.51 -22.99 20.72
N CYS A 86 -12.47 -23.13 21.64
CA CYS A 86 -13.53 -24.11 21.42
C CYS A 86 -14.35 -23.71 20.20
N GLY A 87 -14.39 -24.60 19.21
CA GLY A 87 -15.09 -24.34 17.96
C GLY A 87 -16.50 -23.77 18.06
N ALA A 88 -17.27 -24.27 19.02
CA ALA A 88 -18.63 -23.78 19.19
C ALA A 88 -18.59 -22.30 19.51
N LEU A 89 -17.62 -21.91 20.33
CA LEU A 89 -17.49 -20.51 20.73
C LEU A 89 -17.12 -19.61 19.55
N TYR A 90 -16.19 -20.07 18.73
CA TYR A 90 -15.81 -19.26 17.58
C TYR A 90 -16.97 -19.17 16.59
N GLY A 91 -17.53 -20.31 16.23
CA GLY A 91 -18.65 -20.34 15.31
C GLY A 91 -19.74 -19.35 15.71
N ALA A 92 -20.04 -19.27 17.00
CA ALA A 92 -21.08 -18.36 17.48
C ALA A 92 -20.61 -16.92 17.47
N ALA A 93 -19.42 -16.65 17.97
CA ALA A 93 -18.96 -15.27 18.01
C ALA A 93 -18.69 -14.69 16.62
N ALA A 94 -18.34 -15.55 15.67
CA ALA A 94 -18.01 -15.10 14.33
C ALA A 94 -19.19 -14.47 13.65
N THR A 95 -20.38 -15.01 13.95
CA THR A 95 -21.62 -14.51 13.35
C THR A 95 -21.84 -13.04 13.72
N PHE A 96 -21.42 -12.64 14.91
CA PHE A 96 -21.61 -11.27 15.36
C PHE A 96 -20.90 -10.30 14.41
N SER A 97 -19.81 -10.75 13.82
CA SER A 97 -19.05 -9.89 12.94
C SER A 97 -19.65 -9.72 11.56
N LEU A 98 -20.76 -10.41 11.32
CA LEU A 98 -21.49 -10.29 10.06
C LEU A 98 -22.45 -9.09 10.12
N PHE A 99 -22.73 -8.66 11.34
CA PHE A 99 -23.64 -7.57 11.58
C PHE A 99 -23.04 -6.35 12.27
N TRP A 100 -22.13 -6.55 13.22
CA TRP A 100 -21.54 -5.44 13.95
C TRP A 100 -20.02 -5.41 13.91
N GLY A 101 -19.45 -4.25 14.20
CA GLY A 101 -18.02 -4.14 14.20
C GLY A 101 -17.39 -4.29 15.57
N ARG A 102 -16.07 -4.38 15.56
CA ARG A 102 -15.19 -4.50 16.71
C ARG A 102 -15.70 -3.88 18.02
N LYS A 103 -15.83 -2.54 18.08
CA LYS A 103 -16.30 -1.87 19.31
C LYS A 103 -17.59 -2.47 19.89
N GLU A 104 -18.55 -2.74 19.03
CA GLU A 104 -19.82 -3.29 19.46
C GLU A 104 -19.83 -4.77 19.78
N VAL A 105 -19.02 -5.56 19.07
CA VAL A 105 -18.95 -6.98 19.31
C VAL A 105 -18.23 -7.37 20.61
N HIS A 106 -17.28 -6.54 21.03
CA HIS A 106 -16.51 -6.80 22.24
C HIS A 106 -17.35 -7.23 23.45
N PRO A 107 -18.29 -6.39 23.93
CA PRO A 107 -19.06 -6.84 25.10
C PRO A 107 -19.90 -8.08 24.85
N MET A 108 -20.30 -8.30 23.60
CA MET A 108 -21.10 -9.49 23.26
C MET A 108 -20.26 -10.76 23.45
N VAL A 109 -19.04 -10.76 22.91
CA VAL A 109 -18.15 -11.91 23.04
C VAL A 109 -17.71 -12.05 24.50
N ASN A 110 -17.58 -10.93 25.21
CA ASN A 110 -17.16 -10.98 26.60
C ASN A 110 -18.19 -11.75 27.42
N GLU A 111 -19.47 -11.50 27.12
CA GLU A 111 -20.54 -12.19 27.84
C GLU A 111 -20.56 -13.67 27.46
N LEU A 112 -20.50 -13.95 26.16
CA LEU A 112 -20.50 -15.32 25.68
C LEU A 112 -19.33 -16.12 26.29
N PHE A 113 -18.12 -15.56 26.23
CA PHE A 113 -16.92 -16.20 26.76
C PHE A 113 -16.84 -16.32 28.30
N ARG A 114 -17.15 -15.24 29.03
CA ARG A 114 -17.14 -15.28 30.50
C ARG A 114 -18.20 -16.26 31.02
N TRP A 115 -19.32 -16.31 30.31
CA TRP A 115 -20.40 -17.20 30.68
C TRP A 115 -19.90 -18.63 30.58
N TYR A 116 -19.24 -18.92 29.45
CA TYR A 116 -18.70 -20.26 29.21
C TYR A 116 -17.71 -20.71 30.29
N GLU A 117 -16.80 -19.83 30.67
CA GLU A 117 -15.82 -20.18 31.70
C GLU A 117 -16.43 -20.62 33.05
N VAL A 118 -17.50 -19.93 33.49
CA VAL A 118 -18.09 -20.23 34.79
C VAL A 118 -19.30 -21.15 34.86
N THR A 119 -20.11 -21.22 33.82
CA THR A 119 -21.30 -22.06 33.83
C THR A 119 -20.97 -23.55 33.79
N LYS A 120 -21.68 -24.33 34.59
CA LYS A 120 -21.50 -25.77 34.63
C LYS A 120 -22.27 -26.26 33.42
N LEU A 121 -21.58 -26.89 32.50
CA LEU A 121 -22.15 -27.39 31.26
C LEU A 121 -21.77 -28.87 31.06
N PRO A 122 -22.47 -29.59 30.16
CA PRO A 122 -23.58 -29.13 29.33
C PRO A 122 -24.90 -29.03 30.12
N ILE A 123 -25.84 -28.33 29.53
CA ILE A 123 -27.17 -28.14 30.10
C ILE A 123 -28.14 -28.82 29.13
N PHE A 124 -27.90 -28.63 27.83
CA PHE A 124 -28.74 -29.19 26.76
C PHE A 124 -28.75 -30.72 26.80
N ASN A 125 -29.91 -31.28 26.47
CA ASN A 125 -30.09 -32.73 26.43
C ASN A 125 -30.98 -33.00 25.19
N PRO A 126 -30.50 -33.83 24.24
CA PRO A 126 -31.29 -34.10 23.03
C PRO A 126 -32.35 -35.16 23.24
N GLY A 127 -32.34 -35.77 24.43
CA GLY A 127 -33.28 -36.81 24.73
C GLY A 127 -32.84 -38.02 23.92
N ASP A 128 -33.75 -38.56 23.13
CA ASP A 128 -33.42 -39.72 22.30
C ASP A 128 -32.95 -39.33 20.90
N ALA A 129 -32.86 -38.03 20.64
CA ALA A 129 -32.37 -37.55 19.35
C ALA A 129 -30.84 -37.65 19.45
N ALA A 130 -30.38 -38.20 20.58
CA ALA A 130 -28.95 -38.36 20.85
C ALA A 130 -28.32 -39.20 19.77
N GLN A 131 -27.30 -38.64 19.12
CA GLN A 131 -26.61 -39.37 18.06
C GLN A 131 -25.34 -40.06 18.52
N GLY A 132 -24.87 -39.73 19.72
CA GLY A 132 -23.67 -40.34 20.26
C GLY A 132 -24.03 -41.38 21.30
N VAL A 133 -24.37 -40.90 22.50
CA VAL A 133 -24.81 -41.77 23.60
C VAL A 133 -26.02 -41.10 24.26
N LYS A 134 -27.07 -41.90 24.47
CA LYS A 134 -28.29 -41.41 25.07
C LYS A 134 -28.05 -41.35 26.56
N GLY A 135 -28.67 -40.38 27.24
CA GLY A 135 -28.49 -40.34 28.68
C GLY A 135 -28.20 -39.06 29.42
N ASP A 136 -27.37 -39.21 30.45
CA ASP A 136 -26.96 -38.13 31.33
C ASP A 136 -25.47 -37.99 31.26
N LEU A 137 -24.99 -36.76 31.44
CA LEU A 137 -23.55 -36.49 31.41
C LEU A 137 -23.17 -35.58 32.58
N PRO A 138 -21.99 -35.81 33.18
CA PRO A 138 -21.51 -35.00 34.31
C PRO A 138 -21.29 -33.59 33.80
N MET A 139 -21.56 -32.61 34.64
CA MET A 139 -21.39 -31.22 34.23
C MET A 139 -20.22 -30.62 35.00
N SER A 140 -19.55 -29.63 34.40
CA SER A 140 -18.44 -28.97 35.06
C SER A 140 -18.17 -27.62 34.42
N ALA A 141 -17.49 -26.76 35.18
CA ALA A 141 -17.12 -25.44 34.70
C ALA A 141 -15.68 -25.59 34.26
N SER A 142 -15.38 -25.17 33.04
CA SER A 142 -14.04 -25.30 32.50
C SER A 142 -13.06 -24.23 32.99
N ASP A 143 -13.57 -23.02 33.16
CA ASP A 143 -12.76 -21.86 33.56
C ASP A 143 -11.78 -21.56 32.40
N SER A 144 -12.14 -22.04 31.22
CA SER A 144 -11.33 -21.86 30.02
C SER A 144 -12.16 -21.97 28.77
N VAL A 145 -11.87 -21.06 27.87
CA VAL A 145 -12.49 -20.94 26.57
C VAL A 145 -11.72 -21.85 25.59
N LEU A 146 -10.59 -22.37 26.06
CA LEU A 146 -9.72 -23.22 25.26
C LEU A 146 -10.15 -24.67 25.36
N CYS A 147 -10.33 -25.30 24.19
CA CYS A 147 -10.73 -26.71 24.05
C CYS A 147 -9.85 -27.71 24.81
N HIS A 148 -8.53 -27.52 24.76
CA HIS A 148 -7.63 -28.44 25.46
C HIS A 148 -7.94 -28.48 26.93
N ILE A 149 -8.03 -27.31 27.54
CA ILE A 149 -8.32 -27.19 28.96
C ILE A 149 -9.73 -27.66 29.35
N SER A 150 -10.71 -27.26 28.57
CA SER A 150 -12.10 -27.63 28.80
C SER A 150 -12.27 -29.16 28.74
N VAL A 151 -11.88 -29.76 27.60
CA VAL A 151 -12.02 -31.20 27.42
C VAL A 151 -11.12 -32.06 28.33
N SER A 152 -9.81 -31.84 28.29
CA SER A 152 -8.87 -32.61 29.10
C SER A 152 -9.20 -32.67 30.60
N LYS A 153 -9.56 -31.54 31.19
CA LYS A 153 -9.92 -31.47 32.61
C LYS A 153 -11.16 -32.34 32.90
N TRP A 154 -12.19 -32.14 32.10
CA TRP A 154 -13.43 -32.92 32.25
C TRP A 154 -13.19 -34.44 32.15
N CYS A 155 -12.45 -34.89 31.13
CA CYS A 155 -12.16 -36.31 30.94
C CYS A 155 -11.36 -36.86 32.13
N TYR A 156 -10.35 -36.08 32.55
CA TYR A 156 -9.50 -36.42 33.69
C TYR A 156 -10.34 -36.60 34.94
N GLU A 157 -11.03 -35.53 35.31
CA GLU A 157 -11.88 -35.50 36.48
C GLU A 157 -12.96 -36.59 36.49
N ASN A 158 -13.50 -36.92 35.33
CA ASN A 158 -14.55 -37.94 35.21
C ASN A 158 -14.09 -39.35 34.78
N LYS A 159 -12.77 -39.53 34.66
CA LYS A 159 -12.16 -40.80 34.24
C LYS A 159 -12.75 -41.39 32.95
N ILE A 160 -13.05 -40.48 32.01
CA ILE A 160 -13.59 -40.83 30.70
C ILE A 160 -12.48 -40.56 29.70
N GLU A 161 -12.40 -41.38 28.66
CA GLU A 161 -11.37 -41.20 27.64
C GLU A 161 -11.81 -40.13 26.63
N ALA A 162 -10.86 -39.31 26.19
CA ALA A 162 -11.13 -38.23 25.23
C ALA A 162 -11.54 -38.79 23.85
N THR A 163 -11.56 -40.11 23.77
CA THR A 163 -11.89 -40.88 22.58
C THR A 163 -13.33 -41.46 22.73
N SER A 164 -13.82 -41.49 23.97
CA SER A 164 -15.12 -42.05 24.30
C SER A 164 -16.26 -41.40 23.53
N LYS A 165 -17.34 -42.17 23.36
CA LYS A 165 -18.53 -41.66 22.67
C LYS A 165 -19.16 -40.57 23.52
N GLN A 166 -18.88 -40.65 24.82
CA GLN A 166 -19.38 -39.68 25.77
C GLN A 166 -18.84 -38.30 25.57
N ARG A 167 -17.53 -38.18 25.37
CA ARG A 167 -16.99 -36.84 25.22
C ARG A 167 -17.36 -36.22 23.88
N SER A 168 -17.62 -37.04 22.87
CA SER A 168 -18.04 -36.51 21.59
C SER A 168 -19.53 -36.13 21.73
N GLU A 169 -20.25 -36.84 22.62
CA GLU A 169 -21.65 -36.53 22.87
C GLU A 169 -21.62 -35.21 23.63
N ARG A 170 -20.72 -35.10 24.61
CA ARG A 170 -20.57 -33.89 25.41
C ARG A 170 -20.29 -32.67 24.54
N CYS A 171 -19.31 -32.76 23.65
CA CYS A 171 -18.99 -31.61 22.81
C CYS A 171 -20.16 -31.24 21.91
N GLY A 172 -20.96 -32.24 21.55
CA GLY A 172 -22.12 -32.02 20.71
C GLY A 172 -23.17 -31.20 21.45
N ARG A 173 -23.35 -31.49 22.73
CA ARG A 173 -24.32 -30.77 23.55
C ARG A 173 -23.81 -29.38 23.86
N LEU A 174 -22.51 -29.25 24.08
CA LEU A 174 -21.91 -27.94 24.38
C LEU A 174 -22.14 -27.03 23.20
N THR A 175 -22.07 -27.58 21.99
CA THR A 175 -22.31 -26.78 20.79
C THR A 175 -23.70 -26.11 20.89
N ALA A 176 -24.66 -26.87 21.41
CA ALA A 176 -26.04 -26.42 21.60
C ALA A 176 -26.16 -25.35 22.65
N ASP A 177 -25.55 -25.58 23.80
CA ASP A 177 -25.57 -24.59 24.87
C ASP A 177 -24.97 -23.26 24.41
N ALA A 178 -23.89 -23.32 23.64
CA ALA A 178 -23.22 -22.13 23.15
C ALA A 178 -24.07 -21.43 22.09
N ALA A 179 -24.73 -22.24 21.27
CA ALA A 179 -25.63 -21.76 20.22
C ALA A 179 -26.79 -21.03 20.91
N PHE A 180 -27.35 -21.67 21.95
CA PHE A 180 -28.46 -21.12 22.72
C PHE A 180 -28.07 -19.79 23.32
N LYS A 181 -26.95 -19.76 24.03
CA LYS A 181 -26.49 -18.53 24.67
C LYS A 181 -26.18 -17.42 23.67
N ALA A 182 -25.50 -17.76 22.59
CA ALA A 182 -25.16 -16.77 21.56
C ALA A 182 -26.43 -16.17 20.98
N ALA A 183 -27.43 -17.05 20.78
CA ALA A 183 -28.71 -16.64 20.24
C ALA A 183 -29.32 -15.59 21.18
N GLU A 184 -29.35 -15.87 22.48
CA GLU A 184 -29.89 -14.91 23.43
C GLU A 184 -29.17 -13.58 23.37
N ILE A 185 -27.85 -13.63 23.26
CA ILE A 185 -27.04 -12.42 23.18
C ILE A 185 -27.40 -11.63 21.91
N ILE A 186 -27.54 -12.34 20.79
CA ILE A 186 -27.87 -11.65 19.55
C ILE A 186 -29.20 -10.92 19.74
N ASN A 187 -30.20 -11.64 20.24
CA ASN A 187 -31.52 -11.07 20.49
C ASN A 187 -31.40 -9.82 21.34
N THR A 188 -30.72 -9.94 22.48
CA THR A 188 -30.55 -8.81 23.36
C THR A 188 -29.84 -7.65 22.66
N LYS A 189 -28.90 -7.93 21.77
CA LYS A 189 -28.17 -6.88 21.04
C LYS A 189 -29.13 -6.12 20.11
N ILE A 190 -29.94 -6.88 19.39
CA ILE A 190 -30.90 -6.29 18.47
C ILE A 190 -31.83 -5.35 19.25
N ASP A 191 -32.23 -5.78 20.46
CA ASP A 191 -33.12 -4.97 21.33
C ASP A 191 -32.48 -3.75 21.93
N GLN A 192 -31.35 -3.93 22.61
CA GLN A 192 -30.67 -2.82 23.26
C GLN A 192 -29.79 -1.94 22.37
N GLY A 193 -29.73 -2.23 21.06
CA GLY A 193 -28.94 -1.43 20.13
C GLY A 193 -27.52 -1.11 20.56
N LYS A 194 -27.12 0.15 20.48
CA LYS A 194 -25.77 0.50 20.91
C LYS A 194 -25.66 0.62 22.42
N ASP A 195 -26.72 0.31 23.15
CA ASP A 195 -26.71 0.38 24.61
C ASP A 195 -26.26 -0.93 25.29
N PHE A 196 -26.23 -2.01 24.50
CA PHE A 196 -25.86 -3.35 24.96
C PHE A 196 -24.67 -3.36 25.92
N LYS A 197 -24.82 -4.13 26.98
CA LYS A 197 -23.76 -4.25 27.97
C LYS A 197 -23.70 -5.72 28.37
N SER A 198 -22.50 -6.19 28.69
CA SER A 198 -22.33 -7.56 29.10
C SER A 198 -22.89 -7.73 30.52
N THR A 199 -23.57 -8.84 30.77
CA THR A 199 -24.14 -9.11 32.08
C THR A 199 -23.11 -9.83 32.97
N PHE A 200 -22.00 -10.26 32.38
CA PHE A 200 -20.95 -10.92 33.14
C PHE A 200 -19.78 -9.96 33.34
N PRO A 201 -19.54 -9.55 34.59
CA PRO A 201 -18.44 -8.63 34.90
C PRO A 201 -17.06 -9.21 34.56
N MET A 202 -16.05 -8.36 34.55
CA MET A 202 -14.71 -8.84 34.26
C MET A 202 -14.30 -9.86 35.35
N GLN A 203 -13.45 -10.83 34.95
CA GLN A 203 -12.97 -11.85 35.86
C GLN A 203 -12.07 -11.21 36.93
N ALA A 204 -12.09 -11.81 38.11
CA ALA A 204 -11.32 -11.33 39.24
C ALA A 204 -9.84 -11.23 38.95
N SER A 205 -9.26 -12.37 38.54
CA SER A 205 -7.83 -12.42 38.23
C SER A 205 -7.47 -11.44 37.12
N VAL A 206 -8.28 -11.40 36.05
CA VAL A 206 -8.02 -10.50 34.93
C VAL A 206 -7.91 -9.06 35.39
N SER A 207 -8.85 -8.64 36.24
CA SER A 207 -8.84 -7.29 36.76
C SER A 207 -7.64 -7.00 37.64
N SER A 208 -7.34 -7.87 38.60
CA SER A 208 -6.21 -7.61 39.51
C SER A 208 -4.83 -7.75 38.88
N CYS A 209 -4.62 -8.82 38.14
CA CYS A 209 -3.34 -9.02 37.46
C CYS A 209 -3.23 -7.91 36.42
N GLY A 210 -4.35 -7.63 35.75
CA GLY A 210 -4.39 -6.59 34.73
C GLY A 210 -3.87 -5.25 35.19
N GLU A 211 -3.95 -4.98 36.50
CA GLU A 211 -3.49 -3.70 37.07
C GLU A 211 -2.07 -3.38 36.63
N CYS A 212 -1.25 -4.42 36.55
CA CYS A 212 0.14 -4.25 36.11
C CYS A 212 0.38 -4.74 34.69
N HIS A 213 -0.13 -5.92 34.39
CA HIS A 213 0.08 -6.55 33.11
C HIS A 213 -0.76 -6.10 31.93
N MET A 214 -1.84 -5.37 32.18
CA MET A 214 -2.71 -4.87 31.12
C MET A 214 -3.01 -3.37 31.24
N THR A 215 -2.15 -2.62 31.90
CA THR A 215 -2.35 -1.19 32.07
C THR A 215 -1.23 -0.37 31.40
N LYS A 216 -1.61 0.32 30.34
CA LYS A 216 -0.70 1.15 29.57
C LYS A 216 0.10 2.07 30.49
N GLY A 217 1.40 2.19 30.23
CA GLY A 217 2.26 3.01 31.04
C GLY A 217 2.96 2.19 32.11
N ASN A 218 2.35 1.07 32.52
CA ASN A 218 2.97 0.23 33.55
C ASN A 218 4.22 -0.45 33.06
N ASP A 219 5.20 -0.53 33.95
CA ASP A 219 6.48 -1.14 33.66
C ASP A 219 6.36 -2.64 33.39
N ALA A 220 5.22 -3.21 33.76
CA ALA A 220 4.97 -4.64 33.60
C ALA A 220 3.88 -4.94 32.55
N ASN A 221 3.45 -3.90 31.82
CA ASN A 221 2.39 -4.01 30.82
C ASN A 221 2.81 -4.81 29.58
N TRP A 222 2.92 -6.14 29.73
CA TRP A 222 3.31 -7.03 28.64
C TRP A 222 2.23 -7.95 28.09
N ALA A 223 1.26 -8.32 28.92
CA ALA A 223 0.23 -9.27 28.53
C ALA A 223 -0.96 -8.86 27.66
N LYS A 224 -1.34 -9.77 26.76
CA LYS A 224 -2.49 -9.57 25.90
C LYS A 224 -3.39 -10.79 26.07
N GLY A 225 -4.69 -10.56 26.20
CA GLY A 225 -5.59 -11.67 26.37
C GLY A 225 -6.35 -11.50 27.68
N ILE A 226 -7.65 -11.75 27.64
CA ILE A 226 -8.44 -11.62 28.84
C ILE A 226 -9.09 -12.92 29.29
N MET A 227 -8.39 -14.02 29.05
CA MET A 227 -8.84 -15.32 29.48
C MET A 227 -8.56 -15.30 30.99
N ASP A 228 -9.32 -16.04 31.77
CA ASP A 228 -9.07 -16.07 33.20
C ASP A 228 -7.67 -16.62 33.42
N CYS A 229 -6.88 -15.91 34.21
CA CYS A 229 -5.49 -16.29 34.45
C CYS A 229 -5.25 -17.48 35.38
N THR A 230 -6.25 -17.82 36.18
CA THR A 230 -6.15 -18.88 37.16
C THR A 230 -5.60 -20.26 36.76
N PRO A 231 -6.14 -20.85 35.68
CA PRO A 231 -5.66 -22.19 35.28
C PRO A 231 -4.18 -22.37 35.05
N CYS A 232 -3.58 -21.38 34.39
CA CYS A 232 -2.19 -21.44 34.02
C CYS A 232 -1.19 -20.78 34.94
N HIS A 233 -1.62 -19.79 35.71
CA HIS A 233 -0.71 -19.06 36.56
C HIS A 233 -0.89 -19.28 38.06
N SER A 234 -1.25 -20.52 38.41
CA SER A 234 -1.50 -20.88 39.81
C SER A 234 -0.55 -21.90 40.45
N GLY A 235 0.53 -22.30 39.78
CA GLY A 235 1.41 -23.27 40.36
C GLY A 235 0.71 -24.56 40.77
N THR A 236 -0.37 -24.91 40.09
CA THR A 236 -1.11 -26.13 40.41
C THR A 236 -0.27 -27.37 40.08
N ALA A 237 -0.71 -28.54 40.52
CA ALA A 237 0.05 -29.75 40.22
C ALA A 237 0.16 -29.92 38.71
N ALA A 238 -0.95 -29.66 38.02
CA ALA A 238 -1.00 -29.79 36.56
C ALA A 238 0.08 -28.97 35.84
N THR A 239 0.33 -27.74 36.31
CA THR A 239 1.31 -26.87 35.67
C THR A 239 2.73 -26.95 36.24
N GLN A 240 2.97 -27.99 37.04
CA GLN A 240 4.31 -28.22 37.58
C GLN A 240 5.03 -29.00 36.46
N ASN A 241 6.35 -29.13 36.52
CA ASN A 241 7.09 -29.84 35.48
C ASN A 241 6.72 -31.31 35.30
N LYS A 242 6.05 -31.63 34.21
CA LYS A 242 5.63 -33.00 33.90
C LYS A 242 6.71 -33.75 33.12
N PHE A 243 7.74 -33.04 32.67
CA PHE A 243 8.84 -33.66 31.91
C PHE A 243 9.82 -34.44 32.78
N VAL A 244 9.71 -34.26 34.10
CA VAL A 244 10.58 -34.93 35.05
C VAL A 244 9.73 -35.52 36.16
N ASN A 245 10.07 -36.75 36.55
CA ASN A 245 9.38 -37.46 37.62
C ASN A 245 7.88 -37.32 37.56
N HIS A 246 7.30 -37.87 36.50
CA HIS A 246 5.87 -37.82 36.32
C HIS A 246 5.44 -39.20 35.88
N PRO A 247 4.89 -39.98 36.83
CA PRO A 247 4.44 -41.34 36.55
C PRO A 247 3.35 -41.20 35.54
N GLY B 8 -30.66 -28.52 0.60
CA GLY B 8 -31.21 -29.08 1.89
C GLY B 8 -30.58 -28.37 3.08
N ARG B 9 -31.09 -28.63 4.27
CA ARG B 9 -30.55 -28.02 5.49
C ARG B 9 -29.14 -28.54 5.65
N PHE B 10 -28.21 -27.63 6.01
CA PHE B 10 -26.79 -27.93 6.20
C PHE B 10 -25.93 -27.92 4.92
N ASP B 11 -26.54 -27.98 3.74
CA ASP B 11 -25.75 -27.95 2.50
C ASP B 11 -25.47 -26.49 2.17
N GLN B 12 -24.66 -26.24 1.15
CA GLN B 12 -24.28 -24.88 0.81
C GLN B 12 -24.14 -24.72 -0.67
N VAL B 13 -24.16 -23.47 -1.12
CA VAL B 13 -24.01 -23.17 -2.54
C VAL B 13 -22.61 -23.61 -3.00
N GLY B 14 -22.59 -24.58 -3.91
CA GLY B 14 -21.32 -25.09 -4.41
C GLY B 14 -20.87 -26.40 -3.81
N GLY B 15 -21.62 -26.86 -2.80
CA GLY B 15 -21.28 -28.09 -2.10
C GLY B 15 -20.16 -27.79 -1.11
N ALA B 16 -20.06 -28.61 -0.06
CA ALA B 16 -19.00 -28.45 0.94
C ALA B 16 -17.65 -28.60 0.23
N PHE B 17 -16.70 -27.72 0.55
CA PHE B 17 -15.35 -27.73 -0.04
C PHE B 17 -15.45 -27.76 -1.56
N GLY B 18 -16.39 -26.98 -2.06
CA GLY B 18 -16.60 -26.90 -3.49
C GLY B 18 -15.88 -25.80 -4.24
N TRP B 19 -15.03 -25.00 -3.59
CA TRP B 19 -14.36 -23.95 -4.37
C TRP B 19 -13.21 -24.52 -5.18
N LYS B 20 -12.83 -23.79 -6.21
CA LYS B 20 -11.76 -24.19 -7.09
C LYS B 20 -10.54 -23.43 -6.59
N PRO B 21 -9.52 -24.14 -6.08
CA PRO B 21 -8.34 -23.43 -5.60
C PRO B 21 -7.45 -22.97 -6.77
N HIS B 22 -6.78 -21.85 -6.59
CA HIS B 22 -5.88 -21.30 -7.61
C HIS B 22 -4.55 -21.05 -6.95
N LYS B 23 -3.46 -21.38 -7.63
CA LYS B 23 -2.16 -21.10 -7.05
C LYS B 23 -2.07 -19.60 -6.92
N LEU B 24 -1.33 -19.14 -5.92
CA LEU B 24 -1.13 -17.70 -5.68
C LEU B 24 0.37 -17.39 -5.55
N ASP B 25 0.73 -16.12 -5.56
CA ASP B 25 2.12 -15.77 -5.39
C ASP B 25 2.28 -15.45 -3.89
N PRO B 26 3.08 -16.27 -3.16
CA PRO B 26 3.30 -16.06 -1.72
C PRO B 26 3.74 -14.64 -1.35
N LYS B 27 4.66 -14.07 -2.13
CA LYS B 27 5.13 -12.72 -1.85
C LYS B 27 3.99 -11.69 -2.01
N GLU B 28 3.04 -11.96 -2.90
CA GLU B 28 1.92 -11.06 -3.14
C GLU B 28 1.03 -11.09 -1.91
N CYS B 29 0.68 -12.30 -1.50
CA CYS B 29 -0.17 -12.51 -0.32
C CYS B 29 0.41 -11.86 0.93
N ALA B 30 1.72 -12.01 1.13
CA ALA B 30 2.38 -11.41 2.27
C ALA B 30 2.16 -9.92 2.27
N GLN B 31 2.43 -9.26 1.14
CA GLN B 31 2.25 -7.82 1.02
C GLN B 31 0.80 -7.40 1.35
N VAL B 32 -0.13 -8.05 0.65
CA VAL B 32 -1.56 -7.79 0.80
C VAL B 32 -2.03 -8.01 2.23
N ALA B 33 -1.60 -9.13 2.83
CA ALA B 33 -1.98 -9.48 4.19
C ALA B 33 -1.52 -8.36 5.10
N TYR B 34 -0.29 -7.90 4.90
CA TYR B 34 0.22 -6.83 5.73
C TYR B 34 -0.64 -5.57 5.58
N ASP B 35 -1.11 -5.24 4.38
CA ASP B 35 -1.95 -4.06 4.19
C ASP B 35 -3.29 -4.26 4.83
N GLY B 36 -3.85 -5.42 4.54
CA GLY B 36 -5.15 -5.81 5.05
C GLY B 36 -5.18 -5.69 6.55
N TYR B 37 -4.06 -6.01 7.20
CA TYR B 37 -3.97 -5.95 8.65
C TYR B 37 -4.34 -4.54 9.18
N TRP B 38 -3.92 -3.49 8.48
CA TRP B 38 -4.17 -2.13 8.95
C TRP B 38 -5.50 -1.57 8.50
N TYR B 39 -6.02 -2.10 7.40
CA TYR B 39 -7.27 -1.64 6.81
C TYR B 39 -8.43 -1.61 7.83
N LYS B 40 -8.80 -0.39 8.22
CA LYS B 40 -9.90 -0.14 9.18
C LYS B 40 -9.61 -0.77 10.53
N GLY B 41 -8.36 -1.15 10.72
CA GLY B 41 -7.93 -1.78 11.94
C GLY B 41 -8.49 -3.18 12.08
N PHE B 42 -8.87 -3.80 10.96
CA PHE B 42 -9.44 -5.15 10.99
C PHE B 42 -8.50 -6.25 11.54
N GLY B 43 -7.19 -6.07 11.42
CA GLY B 43 -6.27 -7.03 12.01
C GLY B 43 -5.80 -8.27 11.31
N CYS B 44 -5.11 -9.08 12.12
CA CYS B 44 -4.48 -10.34 11.75
C CYS B 44 -5.31 -11.35 10.96
N GLY B 45 -6.53 -11.62 11.40
CA GLY B 45 -7.34 -12.59 10.68
C GLY B 45 -7.84 -12.08 9.34
N PHE B 46 -8.28 -10.81 9.33
CA PHE B 46 -8.79 -10.15 8.14
C PHE B 46 -7.73 -10.13 7.02
N GLY B 47 -6.54 -9.63 7.34
CA GLY B 47 -5.47 -9.55 6.35
C GLY B 47 -5.09 -10.90 5.76
N ALA B 48 -4.83 -11.86 6.65
CA ALA B 48 -4.48 -13.22 6.26
C ALA B 48 -5.53 -13.82 5.35
N PHE B 49 -6.78 -13.95 5.83
CA PHE B 49 -7.85 -14.53 5.03
C PHE B 49 -8.01 -13.84 3.68
N TYR B 50 -8.02 -12.50 3.72
CA TYR B 50 -8.18 -11.73 2.52
C TYR B 50 -7.07 -11.94 1.50
N SER B 51 -5.83 -11.94 1.97
CA SER B 51 -4.73 -12.11 1.05
C SER B 51 -4.81 -13.41 0.27
N ILE B 52 -5.65 -14.33 0.69
CA ILE B 52 -5.80 -15.60 -0.04
C ILE B 52 -7.10 -15.60 -0.85
N VAL B 53 -8.23 -15.63 -0.15
CA VAL B 53 -9.55 -15.64 -0.75
C VAL B 53 -9.88 -14.28 -1.42
N GLY B 54 -9.47 -13.18 -0.78
CA GLY B 54 -9.73 -11.87 -1.34
C GLY B 54 -9.06 -11.71 -2.71
N LEU B 55 -7.78 -12.04 -2.79
CA LEU B 55 -7.05 -11.96 -4.06
C LEU B 55 -7.67 -12.86 -5.11
N MET B 56 -8.10 -14.05 -4.71
CA MET B 56 -8.73 -14.94 -5.64
C MET B 56 -10.00 -14.26 -6.15
N GLY B 57 -10.66 -13.47 -5.30
CA GLY B 57 -11.87 -12.79 -5.71
C GLY B 57 -11.57 -11.70 -6.73
N GLU B 58 -10.59 -10.86 -6.40
CA GLU B 58 -10.17 -9.79 -7.29
C GLU B 58 -9.80 -10.38 -8.67
N LYS B 59 -9.00 -11.44 -8.65
CA LYS B 59 -8.53 -12.09 -9.87
C LYS B 59 -9.50 -13.02 -10.58
N TYR B 60 -10.44 -13.65 -9.87
CA TYR B 60 -11.34 -14.60 -10.52
C TYR B 60 -12.83 -14.43 -10.32
N GLY B 61 -13.25 -13.48 -9.49
CA GLY B 61 -14.67 -13.28 -9.26
C GLY B 61 -15.37 -14.21 -8.27
N ALA B 62 -16.62 -14.54 -8.60
CA ALA B 62 -17.43 -15.41 -7.75
C ALA B 62 -16.85 -16.82 -7.78
N PRO B 63 -16.95 -17.55 -6.65
CA PRO B 63 -17.59 -17.19 -5.37
C PRO B 63 -16.71 -16.43 -4.38
N TYR B 64 -15.39 -16.48 -4.58
CA TYR B 64 -14.41 -15.82 -3.69
C TYR B 64 -14.76 -14.37 -3.36
N ASN B 65 -15.06 -13.59 -4.39
CA ASN B 65 -15.41 -12.19 -4.21
C ASN B 65 -16.78 -11.94 -3.57
N GLN B 66 -17.50 -13.01 -3.25
CA GLN B 66 -18.80 -12.85 -2.59
C GLN B 66 -18.70 -12.97 -1.07
N PHE B 67 -17.52 -13.32 -0.57
CA PHE B 67 -17.31 -13.53 0.87
C PHE B 67 -17.37 -12.31 1.77
N PRO B 68 -18.01 -12.45 2.95
CA PRO B 68 -18.09 -11.34 3.92
C PRO B 68 -16.79 -11.17 4.70
N PHE B 69 -15.73 -10.75 4.00
CA PHE B 69 -14.41 -10.57 4.56
C PHE B 69 -14.29 -9.97 5.96
N ALA B 70 -14.99 -8.86 6.22
CA ALA B 70 -14.91 -8.19 7.53
C ALA B 70 -15.26 -9.10 8.70
N MET B 71 -15.91 -10.23 8.42
CA MET B 71 -16.26 -11.15 9.49
C MET B 71 -14.96 -11.57 10.19
N LEU B 72 -13.87 -11.60 9.44
CA LEU B 72 -12.62 -12.00 10.04
C LEU B 72 -12.08 -11.05 11.08
N GLU B 73 -12.76 -9.92 11.25
CA GLU B 73 -12.34 -8.98 12.29
C GLU B 73 -12.61 -9.68 13.63
N ALA B 74 -13.49 -10.68 13.58
CA ALA B 74 -13.86 -11.44 14.75
C ALA B 74 -12.63 -12.00 15.45
N ASN B 75 -11.61 -12.27 14.65
CA ASN B 75 -10.37 -12.87 15.12
C ASN B 75 -9.30 -11.92 15.65
N LYS B 76 -9.48 -10.61 15.52
CA LYS B 76 -8.46 -9.68 15.99
C LYS B 76 -8.08 -9.87 17.49
N GLY B 77 -6.78 -9.89 17.77
CA GLY B 77 -6.34 -10.01 19.15
C GLY B 77 -6.68 -11.33 19.81
N GLY B 78 -6.69 -12.41 19.03
CA GLY B 78 -6.99 -13.73 19.56
C GLY B 78 -8.45 -13.89 19.90
N ILE B 79 -9.28 -13.30 19.05
CA ILE B 79 -10.73 -13.27 19.16
C ILE B 79 -11.24 -12.25 20.19
N SER B 80 -11.54 -11.06 19.67
CA SER B 80 -12.04 -9.97 20.48
C SER B 80 -11.17 -9.69 21.70
N ASP B 81 -9.85 -9.74 21.51
CA ASP B 81 -8.84 -9.47 22.55
C ASP B 81 -8.74 -10.56 23.64
N TRP B 82 -9.28 -11.75 23.38
CA TRP B 82 -9.21 -12.83 24.35
C TRP B 82 -7.88 -13.57 24.38
N GLY B 83 -7.07 -13.38 23.35
CA GLY B 83 -5.75 -13.99 23.28
C GLY B 83 -5.66 -15.46 22.99
N THR B 84 -6.66 -16.02 22.34
CA THR B 84 -6.65 -17.42 22.02
C THR B 84 -5.87 -17.66 20.71
N ILE B 85 -6.41 -18.44 19.76
CA ILE B 85 -5.68 -18.70 18.52
C ILE B 85 -5.25 -17.38 17.87
N CYS B 86 -4.04 -17.35 17.30
CA CYS B 86 -3.59 -16.12 16.64
C CYS B 86 -4.42 -15.93 15.38
N GLY B 87 -4.96 -14.73 15.25
CA GLY B 87 -5.84 -14.37 14.14
C GLY B 87 -5.29 -14.68 12.78
N ALA B 88 -4.00 -14.42 12.59
CA ALA B 88 -3.35 -14.70 11.33
C ALA B 88 -3.40 -16.20 11.05
N LEU B 89 -3.16 -17.03 12.08
CA LEU B 89 -3.17 -18.47 11.88
C LEU B 89 -4.54 -18.98 11.52
N TYR B 90 -5.54 -18.55 12.27
CA TYR B 90 -6.89 -18.99 11.97
C TYR B 90 -7.34 -18.49 10.60
N GLY B 91 -7.13 -17.21 10.33
CA GLY B 91 -7.51 -16.67 9.04
C GLY B 91 -6.97 -17.47 7.88
N ALA B 92 -5.69 -17.80 7.94
CA ALA B 92 -5.05 -18.56 6.90
C ALA B 92 -5.57 -19.98 6.82
N ALA B 93 -5.69 -20.62 7.97
CA ALA B 93 -6.16 -22.00 8.00
C ALA B 93 -7.57 -22.15 7.49
N ALA B 94 -8.43 -21.20 7.88
CA ALA B 94 -9.84 -21.17 7.51
C ALA B 94 -10.02 -21.37 6.02
N THR B 95 -9.21 -20.66 5.24
CA THR B 95 -9.27 -20.72 3.77
C THR B 95 -9.14 -22.14 3.27
N PHE B 96 -8.34 -22.97 3.95
CA PHE B 96 -8.15 -24.35 3.50
C PHE B 96 -9.46 -25.12 3.44
N SER B 97 -10.37 -24.82 4.37
CA SER B 97 -11.66 -25.51 4.45
C SER B 97 -12.72 -25.07 3.41
N LEU B 98 -12.32 -24.17 2.52
CA LEU B 98 -13.19 -23.73 1.45
C LEU B 98 -12.93 -24.63 0.26
N PHE B 99 -11.78 -25.29 0.27
CA PHE B 99 -11.36 -26.15 -0.83
C PHE B 99 -11.21 -27.64 -0.50
N TRP B 100 -10.93 -27.97 0.76
CA TRP B 100 -10.69 -29.36 1.16
C TRP B 100 -11.40 -29.74 2.47
N GLY B 101 -11.68 -31.04 2.64
CA GLY B 101 -12.31 -31.58 3.84
C GLY B 101 -11.27 -31.83 4.93
N ARG B 102 -11.68 -31.95 6.20
CA ARG B 102 -10.75 -32.12 7.33
C ARG B 102 -9.62 -33.14 7.21
N LYS B 103 -9.94 -34.30 6.63
CA LYS B 103 -8.94 -35.35 6.43
C LYS B 103 -7.76 -34.75 5.70
N GLU B 104 -8.06 -34.12 4.58
CA GLU B 104 -7.03 -33.49 3.77
C GLU B 104 -6.40 -32.25 4.37
N VAL B 105 -7.19 -31.46 5.09
CA VAL B 105 -6.69 -30.22 5.68
C VAL B 105 -5.78 -30.40 6.89
N HIS B 106 -6.00 -31.48 7.64
CA HIS B 106 -5.20 -31.71 8.83
C HIS B 106 -3.70 -31.55 8.65
N PRO B 107 -3.09 -32.24 7.67
CA PRO B 107 -1.63 -32.07 7.50
C PRO B 107 -1.22 -30.66 7.08
N MET B 108 -2.16 -29.93 6.48
CA MET B 108 -1.88 -28.56 6.06
C MET B 108 -1.80 -27.67 7.26
N VAL B 109 -2.78 -27.79 8.16
CA VAL B 109 -2.80 -26.99 9.39
C VAL B 109 -1.64 -27.43 10.27
N ASN B 110 -1.36 -28.72 10.32
CA ASN B 110 -0.26 -29.20 11.12
C ASN B 110 1.05 -28.51 10.75
N GLU B 111 1.31 -28.35 9.46
CA GLU B 111 2.53 -27.70 9.04
C GLU B 111 2.55 -26.20 9.35
N LEU B 112 1.41 -25.55 9.11
CA LEU B 112 1.32 -24.11 9.34
C LEU B 112 1.49 -23.81 10.82
N PHE B 113 0.80 -24.57 11.65
CA PHE B 113 0.86 -24.37 13.08
C PHE B 113 2.23 -24.76 13.68
N ARG B 114 2.77 -25.90 13.26
CA ARG B 114 4.08 -26.33 13.75
C ARG B 114 5.14 -25.36 13.31
N TRP B 115 5.02 -24.89 12.07
CA TRP B 115 5.96 -23.92 11.50
C TRP B 115 6.00 -22.67 12.38
N TYR B 116 4.82 -22.21 12.75
CA TYR B 116 4.70 -21.01 13.56
C TYR B 116 5.36 -21.17 14.96
N GLU B 117 5.17 -22.33 15.58
CA GLU B 117 5.74 -22.61 16.90
C GLU B 117 7.26 -22.54 16.93
N VAL B 118 7.90 -23.23 15.99
CA VAL B 118 9.37 -23.32 15.92
C VAL B 118 10.17 -22.23 15.20
N THR B 119 9.54 -21.50 14.29
CA THR B 119 10.19 -20.46 13.52
C THR B 119 10.35 -19.10 14.20
N LYS B 120 11.51 -18.48 14.04
CA LYS B 120 11.73 -17.18 14.63
C LYS B 120 11.07 -16.13 13.73
N LEU B 121 10.14 -15.35 14.29
CA LEU B 121 9.44 -14.32 13.55
C LEU B 121 9.43 -13.02 14.32
N PRO B 122 9.06 -11.90 13.67
CA PRO B 122 8.65 -11.86 12.26
C PRO B 122 9.82 -11.89 11.28
N ILE B 123 9.54 -12.31 10.04
CA ILE B 123 10.53 -12.32 9.00
C ILE B 123 10.26 -11.10 8.09
N PHE B 124 9.01 -10.99 7.63
CA PHE B 124 8.56 -9.89 6.76
C PHE B 124 8.98 -8.54 7.29
N ASN B 125 9.54 -7.71 6.41
CA ASN B 125 10.02 -6.39 6.78
C ASN B 125 9.63 -5.40 5.70
N PRO B 126 8.66 -4.53 5.99
CA PRO B 126 8.20 -3.52 5.03
C PRO B 126 9.13 -2.32 4.91
N GLY B 127 10.24 -2.34 5.64
CA GLY B 127 11.19 -1.25 5.58
C GLY B 127 10.52 0.10 5.82
N ASP B 128 10.81 1.06 4.94
CA ASP B 128 10.26 2.41 5.04
C ASP B 128 8.75 2.43 4.78
N ALA B 129 8.21 1.32 4.30
CA ALA B 129 6.77 1.23 4.03
C ALA B 129 5.97 0.75 5.24
N ALA B 130 6.62 0.67 6.40
CA ALA B 130 6.00 0.24 7.65
C ALA B 130 4.84 1.19 7.97
N GLN B 131 3.63 0.66 8.18
CA GLN B 131 2.49 1.52 8.49
C GLN B 131 2.26 1.77 9.97
N GLY B 132 2.97 1.04 10.81
CA GLY B 132 2.85 1.21 12.25
C GLY B 132 4.08 1.91 12.80
N VAL B 133 5.23 1.29 12.61
CA VAL B 133 6.47 1.88 13.06
C VAL B 133 7.67 1.23 12.35
N LYS B 134 8.44 2.08 11.67
CA LYS B 134 9.63 1.70 10.90
C LYS B 134 10.75 1.09 11.76
N GLY B 135 11.45 0.11 11.19
CA GLY B 135 12.58 -0.45 11.92
C GLY B 135 12.54 -1.93 12.14
N ASP B 136 13.71 -2.46 12.47
CA ASP B 136 13.85 -3.87 12.75
C ASP B 136 13.17 -4.17 14.08
N LEU B 137 12.79 -5.42 14.24
CA LEU B 137 12.13 -5.88 15.46
C LEU B 137 12.79 -7.17 15.91
N PRO B 138 12.92 -7.35 17.24
CA PRO B 138 13.54 -8.59 17.73
C PRO B 138 12.68 -9.77 17.34
N MET B 139 13.33 -10.83 16.92
CA MET B 139 12.66 -12.05 16.50
C MET B 139 12.70 -13.10 17.62
N SER B 140 11.86 -14.13 17.49
CA SER B 140 11.79 -15.18 18.48
C SER B 140 10.79 -16.22 18.06
N ALA B 141 10.96 -17.43 18.57
CA ALA B 141 10.01 -18.50 18.31
C ALA B 141 9.07 -18.42 19.52
N SER B 142 7.75 -18.49 19.28
CA SER B 142 6.76 -18.39 20.34
C SER B 142 6.51 -19.69 21.09
N ASP B 143 6.61 -20.81 20.38
CA ASP B 143 6.34 -22.15 20.91
C ASP B 143 4.83 -22.32 21.20
N SER B 144 4.03 -21.38 20.70
CA SER B 144 2.59 -21.42 20.92
C SER B 144 1.81 -20.78 19.77
N VAL B 145 0.69 -21.39 19.38
CA VAL B 145 -0.16 -20.83 18.33
C VAL B 145 -1.21 -19.93 19.00
N LEU B 146 -1.04 -19.69 20.31
CA LEU B 146 -1.92 -18.84 21.08
C LEU B 146 -1.38 -17.44 21.20
N CYS B 147 -2.14 -16.47 20.70
CA CYS B 147 -1.77 -15.08 20.75
C CYS B 147 -1.31 -14.56 22.13
N HIS B 148 -1.89 -15.07 23.21
CA HIS B 148 -1.48 -14.63 24.55
C HIS B 148 -0.02 -15.00 24.87
N ILE B 149 0.33 -16.26 24.66
CA ILE B 149 1.67 -16.73 24.94
C ILE B 149 2.69 -16.12 23.97
N SER B 150 2.28 -15.99 22.73
CA SER B 150 3.14 -15.46 21.70
C SER B 150 3.52 -14.02 22.00
N VAL B 151 2.50 -13.18 22.09
CA VAL B 151 2.68 -11.76 22.34
C VAL B 151 3.29 -11.42 23.70
N SER B 152 2.67 -11.88 24.78
CA SER B 152 3.15 -11.60 26.14
C SER B 152 4.62 -11.99 26.38
N LYS B 153 5.01 -13.20 25.97
CA LYS B 153 6.37 -13.66 26.15
C LYS B 153 7.35 -12.76 25.36
N TRP B 154 6.96 -12.38 24.15
CA TRP B 154 7.78 -11.53 23.31
C TRP B 154 7.92 -10.11 23.91
N CYS B 155 6.85 -9.59 24.50
CA CYS B 155 6.89 -8.26 25.11
C CYS B 155 7.74 -8.28 26.35
N TYR B 156 7.61 -9.37 27.11
CA TYR B 156 8.35 -9.57 28.34
C TYR B 156 9.86 -9.65 28.08
N GLU B 157 10.25 -10.59 27.23
CA GLU B 157 11.65 -10.83 26.87
C GLU B 157 12.36 -9.64 26.21
N ASN B 158 11.60 -8.69 25.69
CA ASN B 158 12.18 -7.53 25.04
C ASN B 158 11.82 -6.24 25.74
N LYS B 159 11.05 -6.36 26.82
CA LYS B 159 10.62 -5.21 27.59
C LYS B 159 9.98 -4.15 26.68
N ILE B 160 8.87 -4.57 26.08
CA ILE B 160 8.08 -3.75 25.17
C ILE B 160 6.61 -3.81 25.61
N GLU B 161 6.01 -2.65 25.86
CA GLU B 161 4.61 -2.61 26.26
C GLU B 161 3.76 -3.26 25.17
N ALA B 162 2.81 -4.09 25.58
CA ALA B 162 1.92 -4.79 24.65
C ALA B 162 0.97 -3.81 23.93
N THR B 163 0.97 -2.56 24.40
CA THR B 163 0.14 -1.50 23.82
C THR B 163 0.93 -0.57 22.89
N SER B 164 2.20 -0.87 22.68
CA SER B 164 3.04 -0.04 21.85
C SER B 164 2.77 -0.24 20.36
N LYS B 165 3.28 0.70 19.56
CA LYS B 165 3.15 0.64 18.12
C LYS B 165 4.05 -0.49 17.66
N GLN B 166 5.13 -0.71 18.42
CA GLN B 166 6.08 -1.76 18.10
C GLN B 166 5.42 -3.11 18.02
N ARG B 167 4.59 -3.42 19.01
CA ARG B 167 3.96 -4.71 18.96
C ARG B 167 2.83 -4.76 17.94
N SER B 168 2.21 -3.62 17.67
CA SER B 168 1.14 -3.54 16.68
C SER B 168 1.78 -3.82 15.32
N GLU B 169 2.99 -3.29 15.11
CA GLU B 169 3.78 -3.48 13.88
C GLU B 169 4.19 -4.96 13.75
N ARG B 170 4.65 -5.53 14.85
CA ARG B 170 5.04 -6.93 14.86
C ARG B 170 3.89 -7.84 14.43
N CYS B 171 2.69 -7.64 14.99
CA CYS B 171 1.55 -8.50 14.61
C CYS B 171 1.18 -8.31 13.13
N GLY B 172 1.40 -7.11 12.61
CA GLY B 172 1.12 -6.86 11.20
C GLY B 172 2.08 -7.69 10.37
N ARG B 173 3.36 -7.66 10.72
CA ARG B 173 4.39 -8.43 10.00
C ARG B 173 4.14 -9.94 10.14
N LEU B 174 3.71 -10.34 11.32
CA LEU B 174 3.42 -11.72 11.58
C LEU B 174 2.31 -12.21 10.66
N THR B 175 1.35 -11.33 10.38
CA THR B 175 0.22 -11.64 9.50
C THR B 175 0.76 -11.95 8.10
N ALA B 176 1.73 -11.15 7.67
CA ALA B 176 2.38 -11.31 6.38
C ALA B 176 3.10 -12.67 6.30
N ASP B 177 3.87 -13.00 7.34
CA ASP B 177 4.58 -14.28 7.38
C ASP B 177 3.63 -15.45 7.30
N ALA B 178 2.58 -15.39 8.11
CA ALA B 178 1.56 -16.44 8.13
C ALA B 178 0.91 -16.61 6.76
N ALA B 179 0.51 -15.49 6.14
CA ALA B 179 -0.12 -15.51 4.82
C ALA B 179 0.84 -16.15 3.82
N PHE B 180 2.10 -15.75 3.89
CA PHE B 180 3.16 -16.25 3.01
C PHE B 180 3.25 -17.76 3.09
N LYS B 181 3.39 -18.28 4.31
CA LYS B 181 3.49 -19.72 4.52
C LYS B 181 2.25 -20.48 4.07
N ALA B 182 1.07 -19.91 4.34
CA ALA B 182 -0.17 -20.57 3.99
C ALA B 182 -0.33 -20.67 2.48
N ALA B 183 0.16 -19.67 1.77
CA ALA B 183 0.10 -19.68 0.31
C ALA B 183 1.00 -20.79 -0.20
N GLU B 184 2.20 -20.91 0.37
CA GLU B 184 3.12 -21.96 -0.04
C GLU B 184 2.45 -23.28 0.15
N ILE B 185 1.78 -23.45 1.28
CA ILE B 185 1.12 -24.71 1.61
C ILE B 185 0.02 -25.03 0.63
N ILE B 186 -0.77 -24.01 0.32
CA ILE B 186 -1.88 -24.13 -0.62
C ILE B 186 -1.35 -24.54 -1.99
N ASN B 187 -0.30 -23.85 -2.45
CA ASN B 187 0.31 -24.16 -3.74
C ASN B 187 0.80 -25.62 -3.78
N THR B 188 1.61 -26.00 -2.79
CA THR B 188 2.14 -27.34 -2.69
C THR B 188 0.98 -28.35 -2.65
N LYS B 189 -0.07 -28.03 -1.90
CA LYS B 189 -1.25 -28.92 -1.82
C LYS B 189 -1.92 -29.06 -3.21
N ILE B 190 -1.92 -27.98 -4.00
CA ILE B 190 -2.51 -28.03 -5.33
C ILE B 190 -1.71 -29.01 -6.20
N ASP B 191 -0.38 -28.86 -6.18
CA ASP B 191 0.49 -29.74 -6.95
C ASP B 191 0.43 -31.21 -6.49
N GLN B 192 0.59 -31.44 -5.19
CA GLN B 192 0.58 -32.79 -4.64
C GLN B 192 -0.72 -33.56 -4.44
N GLY B 193 -1.85 -32.87 -4.44
CA GLY B 193 -3.14 -33.55 -4.26
C GLY B 193 -3.23 -34.37 -2.98
N LYS B 194 -3.74 -35.59 -3.10
CA LYS B 194 -3.87 -36.47 -1.95
C LYS B 194 -2.56 -37.03 -1.38
N ASP B 195 -1.43 -36.64 -1.96
CA ASP B 195 -0.14 -37.12 -1.48
C ASP B 195 0.56 -36.09 -0.60
N PHE B 196 -0.13 -34.99 -0.32
CA PHE B 196 0.45 -33.94 0.53
C PHE B 196 0.83 -34.47 1.92
N LYS B 197 2.01 -34.11 2.36
CA LYS B 197 2.53 -34.52 3.66
C LYS B 197 3.21 -33.25 4.22
N SER B 198 3.09 -33.02 5.51
CA SER B 198 3.72 -31.85 6.08
C SER B 198 5.23 -32.01 6.25
N THR B 199 5.96 -30.92 6.05
CA THR B 199 7.39 -30.94 6.18
C THR B 199 7.76 -30.93 7.67
N PHE B 200 6.87 -30.41 8.49
CA PHE B 200 7.11 -30.37 9.93
C PHE B 200 6.51 -31.60 10.62
N PRO B 201 7.36 -32.36 11.30
CA PRO B 201 6.96 -33.58 12.02
C PRO B 201 6.28 -33.26 13.34
N MET B 202 5.65 -34.28 13.95
CA MET B 202 5.02 -34.08 15.22
C MET B 202 6.08 -33.69 16.25
N GLN B 203 5.76 -32.66 17.00
CA GLN B 203 6.64 -32.11 18.03
C GLN B 203 7.02 -33.19 19.04
N ALA B 204 8.20 -33.08 19.63
CA ALA B 204 8.68 -34.07 20.60
C ALA B 204 7.80 -34.33 21.83
N SER B 205 7.48 -33.27 22.57
CA SER B 205 6.65 -33.43 23.76
C SER B 205 5.27 -34.01 23.46
N VAL B 206 4.70 -33.64 22.32
CA VAL B 206 3.37 -34.11 21.93
C VAL B 206 3.34 -35.60 21.72
N SER B 207 4.34 -36.15 21.03
CA SER B 207 4.33 -37.59 20.84
C SER B 207 4.81 -38.32 22.09
N SER B 208 5.77 -37.74 22.83
CA SER B 208 6.24 -38.39 24.04
C SER B 208 5.14 -38.38 25.12
N CYS B 209 4.56 -37.21 25.40
CA CYS B 209 3.43 -37.11 26.37
C CYS B 209 2.20 -37.84 25.77
N GLY B 210 2.02 -37.69 24.46
CA GLY B 210 0.93 -38.32 23.76
C GLY B 210 0.92 -39.82 23.87
N GLU B 211 2.09 -40.44 24.05
CA GLU B 211 2.15 -41.89 24.19
C GLU B 211 1.15 -42.39 25.23
N CYS B 212 0.93 -41.59 26.25
CA CYS B 212 0.00 -41.94 27.31
C CYS B 212 -1.33 -41.18 27.26
N HIS B 213 -1.23 -39.88 27.02
CA HIS B 213 -2.37 -38.97 27.03
C HIS B 213 -3.25 -38.85 25.82
N MET B 214 -2.74 -39.21 24.65
CA MET B 214 -3.54 -39.12 23.44
C MET B 214 -3.48 -40.42 22.67
N THR B 215 -3.59 -41.53 23.39
CA THR B 215 -3.54 -42.86 22.78
C THR B 215 -4.71 -43.69 23.31
N LYS B 216 -5.55 -44.14 22.37
CA LYS B 216 -6.75 -44.91 22.68
C LYS B 216 -6.45 -46.14 23.56
N GLY B 217 -7.26 -46.40 24.57
CA GLY B 217 -7.04 -47.58 25.41
C GLY B 217 -6.22 -47.37 26.67
N ASN B 218 -5.35 -46.38 26.68
CA ASN B 218 -4.53 -46.05 27.84
C ASN B 218 -5.41 -45.35 28.90
N ASP B 219 -5.27 -45.73 30.16
CA ASP B 219 -6.03 -45.13 31.28
C ASP B 219 -5.94 -43.61 31.29
N ALA B 220 -4.73 -43.12 31.02
CA ALA B 220 -4.43 -41.71 31.04
C ALA B 220 -4.83 -40.94 29.78
N ASN B 221 -5.57 -41.60 28.88
CA ASN B 221 -6.02 -40.97 27.62
C ASN B 221 -7.15 -39.94 27.84
N TRP B 222 -6.79 -38.79 28.38
CA TRP B 222 -7.73 -37.73 28.67
C TRP B 222 -7.55 -36.44 27.87
N ALA B 223 -6.37 -36.21 27.32
CA ALA B 223 -6.12 -34.95 26.62
C ALA B 223 -6.52 -34.84 25.16
N LYS B 224 -6.80 -33.60 24.76
CA LYS B 224 -7.19 -33.28 23.37
C LYS B 224 -6.41 -32.04 23.02
N GLY B 225 -5.72 -32.06 21.90
CA GLY B 225 -4.92 -30.92 21.53
C GLY B 225 -3.51 -31.33 21.19
N ILE B 226 -2.98 -30.79 20.10
CA ILE B 226 -1.65 -31.14 19.69
C ILE B 226 -0.73 -29.94 19.70
N MET B 227 -0.99 -29.03 20.64
CA MET B 227 -0.15 -27.87 20.85
C MET B 227 1.06 -28.37 21.63
N ASP B 228 2.20 -27.73 21.48
CA ASP B 228 3.37 -28.18 22.21
C ASP B 228 3.04 -28.04 23.69
N CYS B 229 3.24 -29.12 24.45
CA CYS B 229 2.97 -29.18 25.88
C CYS B 229 3.94 -28.41 26.80
N THR B 230 5.11 -28.13 26.28
CA THR B 230 6.17 -27.48 27.04
C THR B 230 5.92 -26.15 27.74
N PRO B 231 5.23 -25.23 27.08
CA PRO B 231 5.05 -23.97 27.81
C PRO B 231 4.20 -24.07 29.05
N CYS B 232 3.23 -24.97 29.04
CA CYS B 232 2.33 -25.04 30.16
C CYS B 232 2.55 -26.16 31.16
N HIS B 233 3.28 -27.20 30.77
CA HIS B 233 3.48 -28.30 31.68
C HIS B 233 4.94 -28.52 32.02
N SER B 234 5.68 -27.43 32.17
CA SER B 234 7.10 -27.52 32.51
C SER B 234 7.45 -26.96 33.88
N GLY B 235 6.45 -26.46 34.61
CA GLY B 235 6.73 -25.92 35.92
C GLY B 235 7.70 -24.77 35.88
N THR B 236 7.65 -23.97 34.82
CA THR B 236 8.55 -22.84 34.69
C THR B 236 8.18 -21.77 35.72
N ALA B 237 8.97 -20.72 35.79
CA ALA B 237 8.70 -19.63 36.73
C ALA B 237 7.31 -19.05 36.41
N ALA B 238 6.99 -18.95 35.12
CA ALA B 238 5.73 -18.39 34.67
C ALA B 238 4.48 -19.12 35.18
N THR B 239 4.49 -20.45 35.17
CA THR B 239 3.33 -21.21 35.61
C THR B 239 3.23 -21.52 37.09
N GLN B 240 4.15 -20.96 37.87
CA GLN B 240 4.12 -21.12 39.31
C GLN B 240 3.00 -20.20 39.81
N ASN B 241 2.60 -20.32 41.06
CA ASN B 241 1.52 -19.49 41.58
C ASN B 241 1.85 -18.00 41.63
N LYS B 242 1.21 -17.23 40.77
CA LYS B 242 1.39 -15.77 40.69
C LYS B 242 0.35 -15.03 41.54
N PHE B 243 -0.53 -15.79 42.21
CA PHE B 243 -1.60 -15.22 43.06
C PHE B 243 -1.16 -14.97 44.51
N VAL B 244 -0.05 -15.58 44.91
CA VAL B 244 0.46 -15.47 46.28
C VAL B 244 1.95 -15.09 46.20
N ASN B 245 2.37 -14.06 46.93
CA ASN B 245 3.77 -13.60 46.94
C ASN B 245 4.33 -13.26 45.56
N HIS B 246 3.63 -12.38 44.86
CA HIS B 246 4.04 -11.96 43.52
C HIS B 246 3.61 -10.53 43.33
N PRO B 247 4.50 -9.66 42.86
CA PRO B 247 5.90 -9.99 42.51
C PRO B 247 6.91 -10.03 43.68
N GLY C 8 -12.19 37.13 -14.80
CA GLY C 8 -11.58 37.67 -16.08
C GLY C 8 -10.68 36.66 -16.77
N ARG C 9 -10.27 36.94 -18.02
CA ARG C 9 -9.36 36.06 -18.75
C ARG C 9 -8.03 36.03 -17.97
N PHE C 10 -7.43 34.84 -17.85
CA PHE C 10 -6.17 34.59 -17.12
C PHE C 10 -6.28 34.42 -15.60
N ASP C 11 -7.38 34.83 -14.97
CA ASP C 11 -7.54 34.63 -13.53
C ASP C 11 -8.05 33.20 -13.30
N GLN C 12 -8.15 32.76 -12.06
CA GLN C 12 -8.59 31.39 -11.80
C GLN C 12 -9.43 31.32 -10.53
N VAL C 13 -10.19 30.25 -10.40
CA VAL C 13 -11.01 30.05 -9.21
C VAL C 13 -10.10 30.01 -7.98
N GLY C 14 -10.29 30.97 -7.08
CA GLY C 14 -9.49 31.04 -5.86
C GLY C 14 -8.36 32.03 -5.94
N GLY C 15 -8.15 32.61 -7.12
CA GLY C 15 -7.07 33.55 -7.30
C GLY C 15 -5.76 32.78 -7.46
N ALA C 16 -4.80 33.40 -8.11
CA ALA C 16 -3.50 32.78 -8.30
C ALA C 16 -2.88 32.52 -6.94
N PHE C 17 -2.31 31.32 -6.76
CA PHE C 17 -1.65 30.91 -5.52
C PHE C 17 -2.60 31.10 -4.36
N GLY C 18 -3.87 30.79 -4.59
CA GLY C 18 -4.87 30.96 -3.56
C GLY C 18 -5.23 29.76 -2.72
N TRP C 19 -4.51 28.65 -2.82
CA TRP C 19 -4.82 27.49 -2.01
C TRP C 19 -4.23 27.66 -0.61
N LYS C 20 -4.85 27.00 0.37
CA LYS C 20 -4.41 27.07 1.74
C LYS C 20 -3.47 25.88 1.93
N PRO C 21 -2.19 26.11 2.25
CA PRO C 21 -1.30 24.96 2.42
C PRO C 21 -1.52 24.33 3.80
N HIS C 22 -1.28 23.02 3.89
CA HIS C 22 -1.43 22.27 5.13
C HIS C 22 -0.16 21.51 5.35
N LYS C 23 0.33 21.50 6.56
CA LYS C 23 1.51 20.74 6.84
C LYS C 23 1.19 19.26 6.57
N LEU C 24 2.19 18.50 6.15
CA LEU C 24 2.02 17.09 5.84
C LEU C 24 3.04 16.27 6.59
N ASP C 25 2.88 14.95 6.58
CA ASP C 25 3.85 14.08 7.22
C ASP C 25 4.74 13.54 6.09
N PRO C 26 6.01 13.97 6.06
CA PRO C 26 6.95 13.51 5.03
C PRO C 26 6.96 12.00 4.78
N LYS C 27 6.98 11.22 5.86
CA LYS C 27 7.01 9.77 5.73
C LYS C 27 5.75 9.25 5.04
N GLU C 28 4.62 9.91 5.28
CA GLU C 28 3.35 9.50 4.67
C GLU C 28 3.42 9.76 3.15
N CYS C 29 3.86 10.97 2.79
CA CYS C 29 4.02 11.36 1.39
C CYS C 29 4.93 10.39 0.66
N ALA C 30 6.06 10.05 1.29
CA ALA C 30 7.00 9.13 0.67
C ALA C 30 6.33 7.81 0.32
N GLN C 31 5.65 7.20 1.30
CA GLN C 31 4.97 5.92 1.07
C GLN C 31 3.96 6.05 -0.06
N VAL C 32 3.06 7.02 0.06
CA VAL C 32 2.02 7.28 -0.94
C VAL C 32 2.62 7.54 -2.34
N ALA C 33 3.66 8.37 -2.40
CA ALA C 33 4.32 8.71 -3.67
C ALA C 33 4.80 7.42 -4.29
N TYR C 34 5.36 6.55 -3.46
CA TYR C 34 5.87 5.28 -3.95
C TYR C 34 4.74 4.43 -4.52
N ASP C 35 3.58 4.42 -3.87
CA ASP C 35 2.46 3.64 -4.37
C ASP C 35 1.88 4.26 -5.63
N GLY C 36 1.75 5.59 -5.61
CA GLY C 36 1.21 6.36 -6.72
C GLY C 36 2.02 6.10 -7.97
N TYR C 37 3.34 5.96 -7.78
CA TYR C 37 4.26 5.67 -8.87
C TYR C 37 3.79 4.47 -9.71
N TRP C 38 3.40 3.39 -9.04
CA TRP C 38 2.94 2.16 -9.70
C TRP C 38 1.52 2.21 -10.23
N TYR C 39 0.66 3.01 -9.60
CA TYR C 39 -0.74 3.13 -9.95
C TYR C 39 -1.01 3.40 -11.43
N LYS C 40 -1.52 2.37 -12.13
CA LYS C 40 -1.82 2.43 -13.57
C LYS C 40 -0.59 2.73 -14.43
N GLY C 41 0.56 2.62 -13.80
CA GLY C 41 1.81 2.89 -14.49
C GLY C 41 1.96 4.38 -14.72
N PHE C 42 1.27 5.20 -13.92
CA PHE C 42 1.34 6.65 -14.07
C PHE C 42 2.72 7.27 -13.82
N GLY C 43 3.54 6.66 -12.98
CA GLY C 43 4.89 7.16 -12.80
C GLY C 43 5.26 8.23 -11.82
N CYS C 44 6.51 8.65 -11.94
CA CYS C 44 7.16 9.62 -11.06
C CYS C 44 6.44 10.92 -10.77
N GLY C 45 5.88 11.56 -11.78
CA GLY C 45 5.20 12.82 -11.57
C GLY C 45 3.89 12.66 -10.84
N PHE C 46 3.12 11.64 -11.25
CA PHE C 46 1.82 11.35 -10.65
C PHE C 46 1.92 11.03 -9.16
N GLY C 47 2.82 10.13 -8.80
CA GLY C 47 3.01 9.77 -7.41
C GLY C 47 3.40 10.96 -6.56
N ALA C 48 4.45 11.69 -6.97
CA ALA C 48 4.93 12.85 -6.25
C ALA C 48 3.84 13.91 -6.06
N PHE C 49 3.28 14.40 -7.15
CA PHE C 49 2.25 15.43 -7.07
C PHE C 49 1.13 14.95 -6.15
N TYR C 50 0.64 13.73 -6.39
CA TYR C 50 -0.44 13.22 -5.60
C TYR C 50 -0.14 13.08 -4.13
N SER C 51 1.05 12.65 -3.77
CA SER C 51 1.34 12.47 -2.38
C SER C 51 1.25 13.78 -1.61
N ILE C 52 1.25 14.90 -2.33
CA ILE C 52 1.15 16.20 -1.66
C ILE C 52 -0.28 16.76 -1.76
N VAL C 53 -0.72 17.08 -2.98
CA VAL C 53 -2.05 17.61 -3.28
C VAL C 53 -3.16 16.56 -3.17
N GLY C 54 -2.86 15.32 -3.56
CA GLY C 54 -3.84 14.25 -3.47
C GLY C 54 -4.21 13.98 -2.02
N LEU C 55 -3.20 13.89 -1.14
CA LEU C 55 -3.42 13.69 0.30
C LEU C 55 -4.21 14.85 0.91
N MET C 56 -3.85 16.08 0.55
CA MET C 56 -4.57 17.22 1.07
C MET C 56 -6.03 17.13 0.61
N GLY C 57 -6.25 16.54 -0.57
CA GLY C 57 -7.60 16.39 -1.09
C GLY C 57 -8.37 15.37 -0.29
N GLU C 58 -7.76 14.21 -0.03
CA GLU C 58 -8.36 13.14 0.76
C GLU C 58 -8.72 13.68 2.15
N LYS C 59 -7.74 14.36 2.75
CA LYS C 59 -7.86 14.93 4.09
C LYS C 59 -8.70 16.21 4.20
N TYR C 60 -8.72 17.04 3.17
CA TYR C 60 -9.44 18.30 3.31
C TYR C 60 -10.47 18.68 2.26
N GLY C 61 -10.63 17.83 1.25
CA GLY C 61 -11.57 18.09 0.17
C GLY C 61 -11.19 19.14 -0.89
N ALA C 62 -12.16 19.97 -1.27
CA ALA C 62 -11.96 20.98 -2.27
C ALA C 62 -11.09 22.11 -1.74
N PRO C 63 -10.27 22.73 -2.61
CA PRO C 63 -10.09 22.50 -4.05
C PRO C 63 -9.14 21.36 -4.44
N TYR C 64 -8.26 20.95 -3.52
CA TYR C 64 -7.26 19.89 -3.75
C TYR C 64 -7.82 18.63 -4.39
N ASN C 65 -8.94 18.13 -3.88
CA ASN C 65 -9.56 16.91 -4.40
C ASN C 65 -10.23 17.10 -5.74
N GLN C 66 -10.20 18.32 -6.25
CA GLN C 66 -10.82 18.62 -7.54
C GLN C 66 -9.78 18.54 -8.67
N PHE C 67 -8.50 18.43 -8.35
CA PHE C 67 -7.44 18.39 -9.37
C PHE C 67 -7.38 17.15 -10.29
N PRO C 68 -7.12 17.36 -11.61
CA PRO C 68 -7.02 16.27 -12.58
C PRO C 68 -5.66 15.59 -12.44
N PHE C 69 -5.48 14.81 -11.38
CA PHE C 69 -4.24 14.12 -11.06
C PHE C 69 -3.50 13.40 -12.17
N ALA C 70 -4.22 12.59 -12.95
CA ALA C 70 -3.61 11.82 -14.05
C ALA C 70 -2.88 12.67 -15.07
N MET C 71 -3.13 13.97 -15.06
CA MET C 71 -2.45 14.87 -15.97
C MET C 71 -0.94 14.75 -15.72
N LEU C 72 -0.57 14.45 -14.48
CA LEU C 72 0.85 14.31 -14.17
C LEU C 72 1.53 13.10 -14.83
N GLU C 73 0.76 12.27 -15.53
CA GLU C 73 1.32 11.14 -16.25
C GLU C 73 2.15 11.74 -17.39
N ALA C 74 1.83 12.98 -17.76
CA ALA C 74 2.53 13.70 -18.81
C ALA C 74 4.04 13.71 -18.55
N ASN C 75 4.40 13.72 -17.28
CA ASN C 75 5.79 13.77 -16.82
C ASN C 75 6.56 12.43 -16.73
N LYS C 76 5.91 11.31 -16.95
CA LYS C 76 6.63 10.03 -16.84
C LYS C 76 7.81 9.94 -17.79
N GLY C 77 8.92 9.47 -17.24
CA GLY C 77 10.11 9.30 -18.05
C GLY C 77 10.68 10.57 -18.62
N GLY C 78 10.64 11.64 -17.83
CA GLY C 78 11.16 12.92 -18.29
C GLY C 78 10.31 13.53 -19.39
N ILE C 79 9.00 13.35 -19.24
CA ILE C 79 7.98 13.83 -20.17
C ILE C 79 7.87 12.98 -21.41
N SER C 80 6.94 12.03 -21.35
CA SER C 80 6.67 11.16 -22.47
C SER C 80 7.95 10.45 -22.98
N ASP C 81 8.80 10.04 -22.05
CA ASP C 81 10.04 9.34 -22.34
C ASP C 81 11.15 10.18 -23.01
N TRP C 82 11.04 11.51 -22.95
CA TRP C 82 12.03 12.39 -23.56
C TRP C 82 13.29 12.57 -22.69
N GLY C 83 13.19 12.21 -21.42
CA GLY C 83 14.31 12.30 -20.50
C GLY C 83 14.69 13.68 -20.01
N THR C 84 13.78 14.64 -20.02
CA THR C 84 14.12 15.98 -19.57
C THR C 84 14.07 16.05 -18.03
N ILE C 85 13.34 17.01 -17.46
CA ILE C 85 13.24 17.14 -15.98
C ILE C 85 12.70 15.84 -15.40
N CYS C 86 13.23 15.43 -14.26
CA CYS C 86 12.74 14.20 -13.63
C CYS C 86 11.31 14.44 -13.16
N GLY C 87 10.42 13.56 -13.59
CA GLY C 87 9.01 13.65 -13.23
C GLY C 87 8.72 13.88 -11.75
N ALA C 88 9.46 13.19 -10.88
CA ALA C 88 9.28 13.33 -9.45
C ALA C 88 9.58 14.76 -9.05
N LEU C 89 10.65 15.32 -9.60
CA LEU C 89 11.06 16.70 -9.29
C LEU C 89 10.01 17.72 -9.71
N TYR C 90 9.51 17.55 -10.94
CA TYR C 90 8.52 18.49 -11.42
C TYR C 90 7.25 18.34 -10.64
N GLY C 91 6.80 17.09 -10.50
CA GLY C 91 5.58 16.84 -9.76
C GLY C 91 5.56 17.54 -8.41
N ALA C 92 6.65 17.36 -7.65
CA ALA C 92 6.80 17.96 -6.31
C ALA C 92 6.85 19.45 -6.37
N ALA C 93 7.69 19.97 -7.24
CA ALA C 93 7.81 21.42 -7.35
C ALA C 93 6.51 22.09 -7.79
N ALA C 94 5.82 21.50 -8.74
CA ALA C 94 4.59 22.04 -9.26
C ALA C 94 3.67 22.45 -8.14
N THR C 95 3.54 21.59 -7.14
CA THR C 95 2.64 21.82 -6.01
C THR C 95 2.92 23.14 -5.31
N PHE C 96 4.18 23.59 -5.33
CA PHE C 96 4.53 24.84 -4.67
C PHE C 96 3.79 26.01 -5.27
N SER C 97 3.60 25.96 -6.58
CA SER C 97 2.93 27.04 -7.28
C SER C 97 1.39 27.12 -7.15
N LEU C 98 0.81 26.22 -6.35
CA LEU C 98 -0.61 26.26 -6.10
C LEU C 98 -0.79 27.12 -4.83
N PHE C 99 0.30 27.37 -4.10
CA PHE C 99 0.25 28.10 -2.85
C PHE C 99 1.06 29.39 -2.82
N TRP C 100 2.19 29.42 -3.55
CA TRP C 100 3.09 30.59 -3.56
C TRP C 100 3.51 31.09 -4.96
N GLY C 101 3.82 32.37 -5.06
CA GLY C 101 4.27 32.95 -6.32
C GLY C 101 5.76 32.67 -6.55
N ARG C 102 6.23 32.78 -7.79
CA ARG C 102 7.63 32.50 -8.12
C ARG C 102 8.72 33.07 -7.24
N LYS C 103 8.55 34.31 -6.82
CA LYS C 103 9.53 34.96 -5.96
C LYS C 103 9.77 34.08 -4.75
N GLU C 104 8.68 33.74 -4.08
CA GLU C 104 8.73 32.89 -2.90
C GLU C 104 9.11 31.44 -3.19
N VAL C 105 8.67 30.93 -4.33
CA VAL C 105 8.93 29.54 -4.70
C VAL C 105 10.38 29.26 -5.10
N HIS C 106 11.05 30.27 -5.66
CA HIS C 106 12.42 30.06 -6.14
C HIS C 106 13.39 29.37 -5.18
N PRO C 107 13.54 29.88 -3.95
CA PRO C 107 14.46 29.22 -3.02
C PRO C 107 13.99 27.83 -2.62
N MET C 108 12.69 27.55 -2.74
CA MET C 108 12.17 26.24 -2.40
C MET C 108 12.58 25.26 -3.48
N VAL C 109 12.43 25.64 -4.75
CA VAL C 109 12.84 24.76 -5.86
C VAL C 109 14.37 24.59 -5.83
N ASN C 110 15.08 25.68 -5.54
CA ASN C 110 16.53 25.63 -5.47
C ASN C 110 16.99 24.55 -4.52
N GLU C 111 16.34 24.47 -3.37
CA GLU C 111 16.73 23.45 -2.39
C GLU C 111 16.38 22.03 -2.84
N LEU C 112 15.22 21.86 -3.43
CA LEU C 112 14.80 20.53 -3.84
C LEU C 112 15.71 20.02 -4.94
N PHE C 113 15.97 20.89 -5.92
CA PHE C 113 16.79 20.55 -7.07
C PHE C 113 18.27 20.37 -6.70
N ARG C 114 18.81 21.30 -5.92
CA ARG C 114 20.21 21.17 -5.51
C ARG C 114 20.37 19.92 -4.67
N TRP C 115 19.40 19.67 -3.79
CA TRP C 115 19.44 18.50 -2.92
C TRP C 115 19.52 17.25 -3.79
N TYR C 116 18.72 17.23 -4.83
CA TYR C 116 18.70 16.07 -5.69
C TYR C 116 20.05 15.84 -6.37
N GLU C 117 20.65 16.93 -6.86
CA GLU C 117 21.93 16.85 -7.54
C GLU C 117 23.07 16.24 -6.72
N VAL C 118 23.23 16.71 -5.47
CA VAL C 118 24.31 16.27 -4.59
C VAL C 118 24.10 15.05 -3.67
N THR C 119 22.85 14.66 -3.42
CA THR C 119 22.56 13.54 -2.53
C THR C 119 22.59 12.20 -3.22
N LYS C 120 23.08 11.18 -2.52
CA LYS C 120 23.11 9.81 -3.09
C LYS C 120 21.74 9.18 -2.87
N LEU C 121 21.14 8.69 -3.95
CA LEU C 121 19.81 8.10 -3.91
C LEU C 121 19.78 6.79 -4.71
N PRO C 122 18.73 5.96 -4.54
CA PRO C 122 17.58 6.20 -3.64
C PRO C 122 17.88 5.90 -2.19
N ILE C 123 17.13 6.57 -1.31
CA ILE C 123 17.24 6.34 0.13
C ILE C 123 16.09 5.39 0.53
N PHE C 124 14.86 5.80 0.21
CA PHE C 124 13.65 5.02 0.49
C PHE C 124 13.79 3.56 0.09
N ASN C 125 13.40 2.66 0.98
CA ASN C 125 13.51 1.24 0.74
C ASN C 125 12.28 0.56 1.29
N PRO C 126 11.39 0.07 0.40
CA PRO C 126 10.15 -0.60 0.77
C PRO C 126 10.33 -2.02 1.29
N GLY C 127 11.57 -2.48 1.35
CA GLY C 127 11.83 -3.83 1.82
C GLY C 127 11.02 -4.87 1.05
N ASP C 128 10.35 -5.76 1.78
CA ASP C 128 9.55 -6.81 1.13
C ASP C 128 8.27 -6.25 0.49
N ALA C 129 8.04 -4.95 0.63
CA ALA C 129 6.86 -4.29 0.06
C ALA C 129 7.11 -3.69 -1.32
N ALA C 130 8.31 -3.94 -1.85
CA ALA C 130 8.70 -3.44 -3.16
C ALA C 130 7.74 -3.99 -4.18
N GLN C 131 7.19 -3.12 -5.01
CA GLN C 131 6.23 -3.58 -6.02
C GLN C 131 6.86 -3.90 -7.38
N GLY C 132 8.12 -3.53 -7.56
CA GLY C 132 8.81 -3.82 -8.81
C GLY C 132 9.77 -4.98 -8.60
N VAL C 133 10.75 -4.80 -7.73
CA VAL C 133 11.71 -5.84 -7.42
C VAL C 133 12.36 -5.58 -6.07
N LYS C 134 12.27 -6.56 -5.18
CA LYS C 134 12.83 -6.47 -3.83
C LYS C 134 14.37 -6.46 -3.78
N GLY C 135 14.93 -5.80 -2.78
CA GLY C 135 16.36 -5.77 -2.67
C GLY C 135 16.97 -4.40 -2.66
N ASP C 136 18.20 -4.34 -2.17
CA ASP C 136 18.95 -3.10 -2.13
C ASP C 136 19.35 -2.71 -3.55
N LEU C 137 19.61 -1.41 -3.74
CA LEU C 137 20.01 -0.90 -5.04
C LEU C 137 21.19 0.04 -4.83
N PRO C 138 22.16 0.02 -5.74
CA PRO C 138 23.30 0.91 -5.58
C PRO C 138 22.85 2.38 -5.64
N MET C 139 23.43 3.18 -4.76
CA MET C 139 23.09 4.58 -4.67
C MET C 139 24.12 5.42 -5.43
N SER C 140 23.79 6.68 -5.68
CA SER C 140 24.69 7.60 -6.38
C SER C 140 24.09 8.99 -6.44
N ALA C 141 24.94 9.99 -6.61
CA ALA C 141 24.45 11.36 -6.77
C ALA C 141 24.42 11.47 -8.29
N SER C 142 23.37 12.07 -8.84
CA SER C 142 23.27 12.19 -10.29
C SER C 142 24.00 13.40 -10.82
N ASP C 143 23.96 14.51 -10.05
CA ASP C 143 24.57 15.78 -10.44
C ASP C 143 23.68 16.46 -11.53
N SER C 144 22.48 15.93 -11.72
CA SER C 144 21.58 16.47 -12.73
C SER C 144 20.13 16.25 -12.36
N VAL C 145 19.30 17.26 -12.58
CA VAL C 145 17.88 17.16 -12.35
C VAL C 145 17.21 16.60 -13.62
N LEU C 146 18.04 16.21 -14.61
CA LEU C 146 17.58 15.66 -15.88
C LEU C 146 17.56 14.15 -15.86
N CYS C 147 16.37 13.59 -16.05
CA CYS C 147 16.14 12.17 -16.04
C CYS C 147 17.13 11.39 -16.92
N HIS C 148 17.48 11.91 -18.09
CA HIS C 148 18.45 11.21 -18.96
C HIS C 148 19.81 11.00 -18.29
N ILE C 149 20.40 12.09 -17.81
CA ILE C 149 21.71 12.02 -17.18
C ILE C 149 21.66 11.19 -15.91
N SER C 150 20.59 11.35 -15.15
CA SER C 150 20.45 10.62 -13.90
C SER C 150 20.38 9.11 -14.11
N VAL C 151 19.38 8.68 -14.89
CA VAL C 151 19.14 7.27 -15.17
C VAL C 151 20.27 6.61 -15.95
N SER C 152 20.61 7.20 -17.09
CA SER C 152 21.65 6.67 -17.97
C SER C 152 22.98 6.46 -17.25
N LYS C 153 23.45 7.46 -16.51
CA LYS C 153 24.72 7.35 -15.81
C LYS C 153 24.65 6.25 -14.75
N TRP C 154 23.51 6.16 -14.09
CA TRP C 154 23.31 5.15 -13.06
C TRP C 154 23.30 3.74 -13.64
N CYS C 155 22.67 3.55 -14.79
CA CYS C 155 22.62 2.23 -15.43
C CYS C 155 23.98 1.81 -15.95
N TYR C 156 24.70 2.78 -16.50
CA TYR C 156 26.02 2.58 -17.06
C TYR C 156 27.00 2.14 -15.98
N GLU C 157 27.12 2.95 -14.92
CA GLU C 157 28.02 2.71 -13.79
C GLU C 157 27.73 1.43 -13.03
N ASN C 158 26.54 0.89 -13.18
CA ASN C 158 26.18 -0.32 -12.46
C ASN C 158 25.85 -1.45 -13.40
N LYS C 159 26.03 -1.19 -14.70
CA LYS C 159 25.73 -2.19 -15.75
C LYS C 159 24.35 -2.82 -15.53
N ILE C 160 23.32 -1.96 -15.60
CA ILE C 160 21.92 -2.37 -15.45
C ILE C 160 21.14 -1.81 -16.64
N GLU C 161 20.45 -2.68 -17.35
CA GLU C 161 19.67 -2.26 -18.49
C GLU C 161 18.63 -1.24 -18.04
N ALA C 162 18.48 -0.18 -18.83
CA ALA C 162 17.51 0.87 -18.51
C ALA C 162 16.05 0.39 -18.65
N THR C 163 15.87 -0.83 -19.17
CA THR C 163 14.53 -1.42 -19.34
C THR C 163 14.24 -2.48 -18.26
N SER C 164 15.15 -2.62 -17.30
CA SER C 164 14.99 -3.62 -16.25
C SER C 164 14.00 -3.21 -15.16
N LYS C 165 13.53 -4.20 -14.41
CA LYS C 165 12.63 -3.94 -13.29
C LYS C 165 13.44 -3.20 -12.21
N GLN C 166 14.74 -3.47 -12.17
CA GLN C 166 15.63 -2.82 -11.23
C GLN C 166 15.59 -1.29 -11.37
N ARG C 167 15.61 -0.78 -12.60
CA ARG C 167 15.59 0.66 -12.70
C ARG C 167 14.19 1.21 -12.50
N SER C 168 13.19 0.40 -12.87
CA SER C 168 11.80 0.76 -12.70
C SER C 168 11.60 0.98 -11.19
N GLU C 169 12.16 0.08 -10.38
CA GLU C 169 12.09 0.12 -8.91
C GLU C 169 12.81 1.34 -8.39
N ARG C 170 13.98 1.62 -8.93
CA ARG C 170 14.79 2.78 -8.54
C ARG C 170 14.01 4.08 -8.72
N CYS C 171 13.37 4.26 -9.87
CA CYS C 171 12.60 5.47 -10.12
C CYS C 171 11.40 5.56 -9.15
N GLY C 172 10.86 4.40 -8.77
CA GLY C 172 9.75 4.37 -7.83
C GLY C 172 10.24 4.87 -6.48
N ARG C 173 11.40 4.40 -6.03
CA ARG C 173 11.96 4.83 -4.75
C ARG C 173 12.36 6.30 -4.79
N LEU C 174 12.96 6.70 -5.90
CA LEU C 174 13.38 8.08 -6.10
C LEU C 174 12.17 9.04 -5.94
N THR C 175 11.00 8.60 -6.43
CA THR C 175 9.76 9.38 -6.33
C THR C 175 9.46 9.62 -4.83
N ALA C 176 9.60 8.56 -4.03
CA ALA C 176 9.37 8.64 -2.58
C ALA C 176 10.31 9.65 -1.95
N ASP C 177 11.60 9.54 -2.25
CA ASP C 177 12.58 10.48 -1.69
C ASP C 177 12.25 11.92 -2.07
N ALA C 178 11.95 12.13 -3.35
CA ALA C 178 11.59 13.46 -3.81
C ALA C 178 10.37 13.98 -3.03
N ALA C 179 9.32 13.16 -2.93
CA ALA C 179 8.09 13.54 -2.20
C ALA C 179 8.43 13.89 -0.75
N PHE C 180 9.26 13.04 -0.15
CA PHE C 180 9.69 13.25 1.22
C PHE C 180 10.29 14.62 1.41
N LYS C 181 11.31 14.92 0.60
CA LYS C 181 12.02 16.21 0.66
C LYS C 181 11.11 17.40 0.42
N ALA C 182 10.25 17.28 -0.58
CA ALA C 182 9.33 18.35 -0.93
C ALA C 182 8.38 18.62 0.22
N ALA C 183 7.97 17.56 0.94
CA ALA C 183 7.07 17.70 2.07
C ALA C 183 7.78 18.49 3.17
N GLU C 184 9.03 18.14 3.44
CA GLU C 184 9.80 18.85 4.46
C GLU C 184 9.92 20.30 4.10
N ILE C 185 10.18 20.60 2.82
CA ILE C 185 10.32 21.99 2.38
C ILE C 185 9.01 22.75 2.55
N ILE C 186 7.91 22.11 2.19
CA ILE C 186 6.60 22.72 2.31
C ILE C 186 6.34 23.07 3.78
N ASN C 187 6.60 22.10 4.68
CA ASN C 187 6.42 22.30 6.13
C ASN C 187 7.28 23.45 6.64
N THR C 188 8.57 23.41 6.31
CA THR C 188 9.47 24.47 6.71
C THR C 188 8.98 25.81 6.17
N LYS C 189 8.58 25.85 4.90
CA LYS C 189 8.09 27.09 4.31
C LYS C 189 6.84 27.60 5.04
N ILE C 190 6.00 26.68 5.51
CA ILE C 190 4.79 27.05 6.24
C ILE C 190 5.17 27.74 7.54
N ASP C 191 6.14 27.16 8.24
CA ASP C 191 6.62 27.72 9.51
C ASP C 191 7.34 29.03 9.34
N GLN C 192 8.25 29.09 8.39
CA GLN C 192 9.04 30.30 8.16
C GLN C 192 8.45 31.44 7.35
N GLY C 193 7.40 31.19 6.57
CA GLY C 193 6.79 32.26 5.79
C GLY C 193 7.76 32.94 4.83
N LYS C 194 7.73 34.27 4.79
CA LYS C 194 8.63 35.00 3.89
C LYS C 194 10.11 35.01 4.28
N ASP C 195 10.47 34.31 5.34
CA ASP C 195 11.86 34.26 5.78
C ASP C 195 12.52 32.95 5.35
N PHE C 196 11.81 32.15 4.54
CA PHE C 196 12.35 30.88 4.09
C PHE C 196 13.64 31.11 3.31
N LYS C 197 14.65 30.29 3.58
CA LYS C 197 15.95 30.36 2.90
C LYS C 197 16.31 28.92 2.65
N SER C 198 16.93 28.61 1.51
CA SER C 198 17.30 27.22 1.26
C SER C 198 18.56 26.81 2.02
N THR C 199 18.59 25.55 2.46
CA THR C 199 19.71 25.00 3.19
C THR C 199 20.88 24.73 2.23
N PHE C 200 20.56 24.49 0.96
CA PHE C 200 21.58 24.26 -0.05
C PHE C 200 21.96 25.54 -0.77
N PRO C 201 23.25 25.89 -0.74
CA PRO C 201 23.80 27.09 -1.37
C PRO C 201 24.04 26.89 -2.88
N MET C 202 24.26 27.99 -3.61
CA MET C 202 24.50 27.92 -5.04
C MET C 202 25.70 27.05 -5.35
N GLN C 203 25.51 26.10 -6.25
CA GLN C 203 26.58 25.20 -6.66
C GLN C 203 27.83 26.00 -7.04
N ALA C 204 28.99 25.36 -6.92
CA ALA C 204 30.27 26.01 -7.21
C ALA C 204 30.40 26.48 -8.68
N SER C 205 30.23 25.54 -9.63
CA SER C 205 30.35 25.87 -11.04
C SER C 205 29.37 26.96 -11.45
N VAL C 206 28.16 26.86 -10.94
CA VAL C 206 27.13 27.83 -11.27
C VAL C 206 27.51 29.27 -10.93
N SER C 207 28.03 29.51 -9.73
CA SER C 207 28.40 30.89 -9.41
C SER C 207 29.76 31.27 -10.02
N SER C 208 30.69 30.31 -10.17
CA SER C 208 31.99 30.62 -10.77
C SER C 208 31.80 30.91 -12.27
N CYS C 209 31.14 30.00 -13.01
CA CYS C 209 30.87 30.22 -14.44
C CYS C 209 29.89 31.37 -14.61
N GLY C 210 28.89 31.41 -13.73
CA GLY C 210 27.87 32.43 -13.75
C GLY C 210 28.43 33.82 -13.62
N GLU C 211 29.60 33.92 -13.00
CA GLU C 211 30.29 35.21 -12.78
C GLU C 211 30.36 36.01 -14.12
N CYS C 212 30.50 35.29 -15.22
CA CYS C 212 30.56 35.88 -16.55
C CYS C 212 29.31 35.61 -17.38
N HIS C 213 28.82 34.37 -17.31
CA HIS C 213 27.68 33.95 -18.10
C HIS C 213 26.28 34.27 -17.69
N MET C 214 26.06 34.52 -16.40
CA MET C 214 24.73 34.86 -15.92
C MET C 214 24.77 36.16 -15.12
N THR C 215 25.55 37.12 -15.59
CA THR C 215 25.63 38.39 -14.87
C THR C 215 25.38 39.51 -15.84
N LYS C 216 24.38 40.31 -15.53
CA LYS C 216 23.96 41.42 -16.38
C LYS C 216 25.12 42.37 -16.70
N GLY C 217 25.19 42.83 -17.96
CA GLY C 217 26.25 43.74 -18.36
C GLY C 217 27.54 43.13 -18.93
N ASN C 218 27.86 41.89 -18.56
CA ASN C 218 29.06 41.22 -19.07
C ASN C 218 28.73 40.82 -20.53
N ASP C 219 29.66 40.99 -21.49
CA ASP C 219 29.29 40.59 -22.85
C ASP C 219 29.13 39.08 -23.08
N ALA C 220 29.62 38.27 -22.14
CA ALA C 220 29.49 36.81 -22.20
C ALA C 220 28.16 36.34 -21.53
N ASN C 221 27.32 37.30 -21.14
CA ASN C 221 26.01 37.02 -20.49
C ASN C 221 24.94 36.47 -21.44
N TRP C 222 25.11 35.21 -21.82
CA TRP C 222 24.19 34.59 -22.75
C TRP C 222 23.46 33.38 -22.17
N ALA C 223 23.95 32.80 -21.08
CA ALA C 223 23.31 31.60 -20.57
C ALA C 223 22.12 31.81 -19.64
N LYS C 224 21.26 30.79 -19.60
CA LYS C 224 20.05 30.77 -18.78
C LYS C 224 19.99 29.35 -18.24
N GLY C 225 19.84 29.23 -16.92
CA GLY C 225 19.80 27.92 -16.28
C GLY C 225 20.76 27.85 -15.12
N ILE C 226 20.33 27.23 -14.04
CA ILE C 226 21.20 27.12 -12.88
C ILE C 226 21.49 25.69 -12.52
N MET C 227 21.51 24.84 -13.53
CA MET C 227 21.84 23.44 -13.36
C MET C 227 23.34 23.44 -13.20
N ASP C 228 23.88 22.43 -12.53
CA ASP C 228 25.33 22.34 -12.36
C ASP C 228 25.92 22.17 -13.77
N CYS C 229 26.84 23.06 -14.12
CA CYS C 229 27.49 23.04 -15.45
C CYS C 229 28.45 21.89 -15.70
N THR C 230 28.90 21.25 -14.64
CA THR C 230 29.86 20.18 -14.71
C THR C 230 29.66 18.96 -15.62
N PRO C 231 28.46 18.38 -15.63
CA PRO C 231 28.39 17.20 -16.52
C PRO C 231 28.51 17.48 -18.03
N CYS C 232 28.14 18.69 -18.45
CA CYS C 232 28.16 19.00 -19.86
C CYS C 232 29.28 19.92 -20.34
N HIS C 233 29.90 20.64 -19.45
CA HIS C 233 30.96 21.53 -19.87
C HIS C 233 32.34 21.17 -19.27
N SER C 234 32.62 19.87 -19.18
CA SER C 234 33.89 19.44 -18.62
C SER C 234 34.74 18.61 -19.59
N GLY C 235 34.24 18.42 -20.81
CA GLY C 235 34.97 17.65 -21.79
C GLY C 235 35.25 16.23 -21.36
N THR C 236 34.30 15.65 -20.63
CA THR C 236 34.47 14.29 -20.15
C THR C 236 34.43 13.33 -21.34
N ALA C 237 34.72 12.06 -21.07
CA ALA C 237 34.71 11.07 -22.12
C ALA C 237 33.33 11.03 -22.77
N ALA C 238 32.31 11.19 -21.93
CA ALA C 238 30.90 11.16 -22.34
C ALA C 238 30.54 12.19 -23.41
N THR C 239 30.95 13.44 -23.19
CA THR C 239 30.66 14.51 -24.13
C THR C 239 31.60 14.63 -25.34
N GLN C 240 32.51 13.67 -25.51
CA GLN C 240 33.40 13.67 -26.67
C GLN C 240 32.58 13.17 -27.84
N ASN C 241 33.04 13.40 -29.07
CA ASN C 241 32.26 12.98 -30.23
C ASN C 241 32.04 11.48 -30.29
N LYS C 242 30.80 11.06 -30.06
CA LYS C 242 30.43 9.65 -30.10
C LYS C 242 29.92 9.25 -31.48
N PHE C 243 29.91 10.19 -32.43
CA PHE C 243 29.42 9.93 -33.80
C PHE C 243 30.47 9.38 -34.76
N VAL C 244 31.73 9.50 -34.38
CA VAL C 244 32.83 9.04 -35.21
C VAL C 244 33.73 8.17 -34.33
N ASN C 245 34.10 6.98 -34.81
CA ASN C 245 35.00 6.07 -34.06
C ASN C 245 34.52 5.71 -32.67
N HIS C 246 33.28 5.26 -32.62
CA HIS C 246 32.66 4.85 -31.37
C HIS C 246 31.71 3.71 -31.70
N PRO C 247 31.73 2.64 -30.91
CA PRO C 247 32.59 2.46 -29.74
C PRO C 247 34.02 1.98 -30.07
N GLY D 8 -11.80 6.08 -4.78
CA GLY D 8 -10.75 5.85 -3.76
C GLY D 8 -9.52 6.68 -4.05
N ARG D 9 -8.45 6.34 -3.36
CA ARG D 9 -7.18 7.03 -3.52
C ARG D 9 -6.64 6.90 -4.96
N PHE D 10 -5.97 7.95 -5.43
CA PHE D 10 -5.37 8.01 -6.77
C PHE D 10 -6.33 8.31 -7.90
N ASP D 11 -7.62 8.25 -7.61
CA ASP D 11 -8.62 8.52 -8.63
C ASP D 11 -8.88 10.03 -8.67
N GLN D 12 -9.73 10.49 -9.57
CA GLN D 12 -10.00 11.92 -9.65
C GLN D 12 -11.35 12.18 -10.23
N VAL D 13 -11.88 13.37 -9.94
CA VAL D 13 -13.16 13.80 -10.45
C VAL D 13 -13.10 13.76 -11.97
N GLY D 14 -14.10 13.13 -12.58
CA GLY D 14 -14.18 13.01 -14.02
C GLY D 14 -13.41 11.83 -14.55
N GLY D 15 -12.62 11.18 -13.71
CA GLY D 15 -11.83 10.04 -14.16
C GLY D 15 -10.56 10.45 -14.87
N ALA D 16 -9.59 9.54 -14.89
CA ALA D 16 -8.31 9.80 -15.54
C ALA D 16 -8.55 9.96 -17.04
N PHE D 17 -8.09 11.11 -17.58
CA PHE D 17 -8.20 11.44 -19.02
C PHE D 17 -9.67 11.52 -19.45
N GLY D 18 -10.54 11.92 -18.53
CA GLY D 18 -11.96 11.97 -18.84
C GLY D 18 -12.58 13.26 -19.34
N TRP D 19 -11.77 14.28 -19.62
CA TRP D 19 -12.27 15.55 -20.13
C TRP D 19 -12.60 15.40 -21.60
N LYS D 20 -13.53 16.21 -22.06
CA LYS D 20 -13.93 16.16 -23.45
C LYS D 20 -13.07 17.13 -24.25
N PRO D 21 -12.33 16.63 -25.25
CA PRO D 21 -11.54 17.58 -26.01
C PRO D 21 -12.46 18.40 -26.96
N HIS D 22 -12.05 19.62 -27.27
CA HIS D 22 -12.80 20.49 -28.18
C HIS D 22 -11.79 21.03 -29.18
N LYS D 23 -12.19 21.14 -30.45
CA LYS D 23 -11.31 21.66 -31.49
C LYS D 23 -10.96 23.08 -31.11
N LEU D 24 -9.76 23.54 -31.46
CA LEU D 24 -9.30 24.88 -31.12
C LEU D 24 -8.96 25.67 -32.36
N ASP D 25 -8.77 26.96 -32.20
CA ASP D 25 -8.37 27.78 -33.32
C ASP D 25 -6.91 28.10 -33.04
N PRO D 26 -5.98 27.45 -33.76
CA PRO D 26 -4.55 27.71 -33.56
C PRO D 26 -4.15 29.20 -33.54
N LYS D 27 -4.67 30.03 -34.47
CA LYS D 27 -4.32 31.44 -34.50
C LYS D 27 -4.75 32.11 -33.20
N GLU D 28 -5.95 31.76 -32.71
CA GLU D 28 -6.45 32.31 -31.45
C GLU D 28 -5.52 31.87 -30.31
N CYS D 29 -5.15 30.58 -30.29
CA CYS D 29 -4.25 30.03 -29.29
C CYS D 29 -2.88 30.69 -29.24
N ALA D 30 -2.26 30.90 -30.41
CA ALA D 30 -0.93 31.54 -30.48
C ALA D 30 -0.99 32.88 -29.82
N GLN D 31 -2.06 33.59 -30.14
CA GLN D 31 -2.27 34.91 -29.61
C GLN D 31 -2.50 35.02 -28.08
N VAL D 32 -3.43 34.21 -27.54
CA VAL D 32 -3.69 34.24 -26.12
C VAL D 32 -2.47 33.73 -25.36
N ALA D 33 -1.74 32.78 -25.96
CA ALA D 33 -0.53 32.22 -25.36
C ALA D 33 0.50 33.32 -25.21
N TYR D 34 0.69 34.12 -26.26
CA TYR D 34 1.63 35.24 -26.19
C TYR D 34 1.18 36.26 -25.13
N ASP D 35 -0.11 36.57 -25.06
CA ASP D 35 -0.58 37.52 -24.06
C ASP D 35 -0.45 36.90 -22.67
N GLY D 36 -0.81 35.64 -22.56
CA GLY D 36 -0.72 34.96 -21.27
C GLY D 36 0.68 34.99 -20.71
N TYR D 37 1.67 34.88 -21.60
CA TYR D 37 3.06 34.89 -21.19
C TYR D 37 3.44 36.10 -20.37
N TRP D 38 2.97 37.29 -20.76
CA TRP D 38 3.28 38.53 -20.03
C TRP D 38 2.42 38.72 -18.78
N TYR D 39 1.20 38.18 -18.79
CA TYR D 39 0.25 38.31 -17.69
C TYR D 39 0.86 38.00 -16.30
N LYS D 40 0.98 39.04 -15.46
CA LYS D 40 1.56 38.93 -14.12
C LYS D 40 2.97 38.29 -14.13
N GLY D 41 3.58 38.29 -15.32
CA GLY D 41 4.89 37.71 -15.53
C GLY D 41 4.92 36.19 -15.38
N PHE D 42 3.76 35.52 -15.54
CA PHE D 42 3.71 34.06 -15.35
C PHE D 42 4.53 33.22 -16.32
N GLY D 43 4.71 33.69 -17.56
CA GLY D 43 5.56 32.97 -18.48
C GLY D 43 5.10 31.93 -19.47
N CYS D 44 6.11 31.33 -20.09
CA CYS D 44 5.98 30.31 -21.11
C CYS D 44 4.97 29.18 -20.80
N GLY D 45 5.09 28.55 -19.64
CA GLY D 45 4.17 27.46 -19.32
C GLY D 45 2.73 27.92 -19.18
N PHE D 46 2.57 29.02 -18.46
CA PHE D 46 1.26 29.60 -18.21
C PHE D 46 0.59 30.00 -19.53
N GLY D 47 1.26 30.87 -20.30
CA GLY D 47 0.68 31.29 -21.56
C GLY D 47 0.20 30.17 -22.45
N ALA D 48 1.04 29.16 -22.65
CA ALA D 48 0.71 28.03 -23.51
C ALA D 48 -0.39 27.15 -22.93
N PHE D 49 -0.32 26.84 -21.65
CA PHE D 49 -1.33 26.02 -21.04
C PHE D 49 -2.69 26.72 -21.11
N TYR D 50 -2.70 27.97 -20.68
CA TYR D 50 -3.93 28.74 -20.71
C TYR D 50 -4.54 28.81 -22.09
N SER D 51 -3.74 29.05 -23.12
CA SER D 51 -4.30 29.17 -24.45
C SER D 51 -5.06 27.94 -24.90
N ILE D 52 -4.85 26.83 -24.21
CA ILE D 52 -5.53 25.60 -24.57
C ILE D 52 -6.67 25.29 -23.64
N VAL D 53 -6.33 25.11 -22.38
CA VAL D 53 -7.33 24.76 -21.41
C VAL D 53 -8.07 26.02 -20.96
N GLY D 54 -7.37 27.15 -20.99
CA GLY D 54 -7.96 28.40 -20.58
C GLY D 54 -9.03 28.80 -21.55
N LEU D 55 -8.73 28.70 -22.83
CA LEU D 55 -9.72 29.03 -23.84
C LEU D 55 -10.90 28.05 -23.84
N MET D 56 -10.65 26.77 -23.62
CA MET D 56 -11.76 25.81 -23.54
C MET D 56 -12.68 26.18 -22.35
N GLY D 57 -12.08 26.75 -21.30
CA GLY D 57 -12.85 27.15 -20.13
C GLY D 57 -13.77 28.32 -20.40
N GLU D 58 -13.25 29.32 -21.10
CA GLU D 58 -14.00 30.51 -21.44
C GLU D 58 -15.22 30.20 -22.30
N LYS D 59 -15.05 29.28 -23.23
CA LYS D 59 -16.11 28.91 -24.14
C LYS D 59 -17.04 27.79 -23.71
N TYR D 60 -16.51 26.82 -22.97
CA TYR D 60 -17.31 25.68 -22.55
C TYR D 60 -17.50 25.45 -21.05
N GLY D 61 -16.96 26.37 -20.24
CA GLY D 61 -17.09 26.23 -18.81
C GLY D 61 -16.30 25.09 -18.18
N ALA D 62 -16.90 24.45 -17.19
CA ALA D 62 -16.30 23.36 -16.46
C ALA D 62 -16.08 22.13 -17.34
N PRO D 63 -15.12 21.26 -16.98
CA PRO D 63 -14.21 21.34 -15.84
C PRO D 63 -13.00 22.23 -16.13
N TYR D 64 -12.80 22.56 -17.40
CA TYR D 64 -11.69 23.40 -17.88
C TYR D 64 -11.47 24.68 -17.08
N ASN D 65 -12.55 25.40 -16.79
CA ASN D 65 -12.44 26.66 -16.08
C ASN D 65 -12.26 26.57 -14.56
N GLN D 66 -12.08 25.35 -14.04
CA GLN D 66 -11.87 25.15 -12.61
C GLN D 66 -10.39 24.93 -12.28
N PHE D 67 -9.56 24.88 -13.33
CA PHE D 67 -8.13 24.64 -13.20
C PHE D 67 -7.34 25.78 -12.57
N PRO D 68 -6.42 25.46 -11.63
CA PRO D 68 -5.60 26.50 -10.99
C PRO D 68 -4.45 26.87 -11.95
N PHE D 69 -4.79 27.66 -12.98
CA PHE D 69 -3.86 28.08 -14.04
C PHE D 69 -2.49 28.58 -13.64
N ALA D 70 -2.41 29.39 -12.59
CA ALA D 70 -1.14 29.96 -12.17
C ALA D 70 -0.12 28.90 -11.74
N MET D 71 -0.59 27.66 -11.54
CA MET D 71 0.28 26.56 -11.14
C MET D 71 1.40 26.44 -12.19
N LEU D 72 1.04 26.77 -13.43
CA LEU D 72 1.97 26.71 -14.54
C LEU D 72 3.04 27.76 -14.53
N GLU D 73 3.04 28.62 -13.52
CA GLU D 73 4.08 29.63 -13.41
C GLU D 73 5.34 28.85 -13.03
N ALA D 74 5.13 27.67 -12.43
CA ALA D 74 6.20 26.79 -12.00
C ALA D 74 7.19 26.48 -13.12
N ASN D 75 6.71 26.48 -14.35
CA ASN D 75 7.54 26.18 -15.50
C ASN D 75 8.31 27.33 -16.10
N LYS D 76 8.16 28.54 -15.56
CA LYS D 76 8.85 29.66 -16.12
C LYS D 76 10.36 29.46 -16.01
N GLY D 77 11.06 29.78 -17.10
CA GLY D 77 12.51 29.65 -17.13
C GLY D 77 13.00 28.24 -16.98
N GLY D 78 12.22 27.29 -17.44
CA GLY D 78 12.61 25.90 -17.33
C GLY D 78 12.52 25.42 -15.90
N ILE D 79 11.52 25.95 -15.18
CA ILE D 79 11.24 25.65 -13.78
C ILE D 79 12.15 26.46 -12.91
N SER D 80 11.68 27.61 -12.43
CA SER D 80 12.48 28.49 -11.56
C SER D 80 13.89 28.76 -12.04
N ASP D 81 14.04 29.05 -13.34
CA ASP D 81 15.35 29.35 -13.96
C ASP D 81 16.34 28.21 -13.99
N TRP D 82 15.89 26.99 -13.81
CA TRP D 82 16.85 25.89 -13.85
C TRP D 82 17.20 25.51 -15.28
N GLY D 83 16.54 26.16 -16.25
CA GLY D 83 16.77 25.91 -17.66
C GLY D 83 16.52 24.51 -18.19
N THR D 84 15.60 23.76 -17.59
CA THR D 84 15.33 22.41 -18.09
C THR D 84 14.30 22.47 -19.22
N ILE D 85 13.25 21.67 -19.17
CA ILE D 85 12.24 21.65 -20.24
C ILE D 85 11.69 23.05 -20.53
N CYS D 86 11.53 23.41 -21.81
CA CYS D 86 10.96 24.72 -22.10
C CYS D 86 9.52 24.76 -21.61
N GLY D 87 9.22 25.72 -20.73
CA GLY D 87 7.91 25.86 -20.14
C GLY D 87 6.78 25.82 -21.14
N ALA D 88 6.97 26.45 -22.30
CA ALA D 88 5.93 26.47 -23.33
C ALA D 88 5.64 25.06 -23.83
N LEU D 89 6.68 24.25 -23.99
CA LEU D 89 6.51 22.88 -24.41
C LEU D 89 5.81 22.04 -23.35
N TYR D 90 6.17 22.21 -22.09
CA TYR D 90 5.52 21.44 -21.06
C TYR D 90 4.06 21.86 -20.96
N GLY D 91 3.82 23.16 -20.88
CA GLY D 91 2.47 23.69 -20.80
C GLY D 91 1.54 23.12 -21.85
N ALA D 92 2.02 23.02 -23.08
CA ALA D 92 1.21 22.48 -24.16
C ALA D 92 1.09 20.98 -24.09
N ALA D 93 2.17 20.27 -23.81
CA ALA D 93 2.12 18.82 -23.75
C ALA D 93 1.28 18.29 -22.58
N ALA D 94 1.29 19.03 -21.47
CA ALA D 94 0.54 18.64 -20.30
C ALA D 94 -0.97 18.58 -20.55
N THR D 95 -1.49 19.46 -21.40
CA THR D 95 -2.92 19.49 -21.70
C THR D 95 -3.38 18.21 -22.35
N PHE D 96 -2.49 17.56 -23.11
CA PHE D 96 -2.85 16.33 -23.78
C PHE D 96 -3.25 15.27 -22.75
N SER D 97 -2.66 15.37 -21.57
CA SER D 97 -2.91 14.41 -20.53
C SER D 97 -4.22 14.57 -19.81
N LEU D 98 -4.96 15.63 -20.11
CA LEU D 98 -6.27 15.81 -19.51
C LEU D 98 -7.31 15.05 -20.37
N PHE D 99 -6.94 14.72 -21.60
CA PHE D 99 -7.84 14.05 -22.52
C PHE D 99 -7.44 12.64 -22.88
N TRP D 100 -6.14 12.35 -22.98
CA TRP D 100 -5.71 11.02 -23.37
C TRP D 100 -4.62 10.45 -22.47
N GLY D 101 -4.42 9.15 -22.55
CA GLY D 101 -3.39 8.52 -21.76
C GLY D 101 -2.04 8.31 -22.47
N ARG D 102 -1.07 7.89 -21.67
CA ARG D 102 0.30 7.58 -22.06
C ARG D 102 0.48 7.05 -23.49
N LYS D 103 -0.07 5.87 -23.79
CA LYS D 103 0.09 5.28 -25.12
C LYS D 103 -0.28 6.22 -26.27
N GLU D 104 -1.39 6.94 -26.09
CA GLU D 104 -1.90 7.87 -27.08
C GLU D 104 -1.19 9.21 -27.15
N VAL D 105 -0.71 9.69 -26.01
CA VAL D 105 -0.03 10.98 -25.96
C VAL D 105 1.39 10.97 -26.52
N HIS D 106 2.03 9.81 -26.46
CA HIS D 106 3.40 9.64 -26.93
C HIS D 106 3.65 10.24 -28.32
N PRO D 107 2.95 9.76 -29.36
CA PRO D 107 3.18 10.33 -30.68
C PRO D 107 2.87 11.82 -30.78
N MET D 108 1.96 12.30 -29.95
CA MET D 108 1.58 13.71 -29.97
C MET D 108 2.72 14.58 -29.50
N VAL D 109 3.30 14.20 -28.37
CA VAL D 109 4.43 14.92 -27.79
C VAL D 109 5.67 14.74 -28.70
N ASN D 110 5.80 13.59 -29.34
CA ASN D 110 6.92 13.39 -30.23
C ASN D 110 6.89 14.40 -31.36
N GLU D 111 5.71 14.61 -31.95
CA GLU D 111 5.62 15.56 -33.03
C GLU D 111 5.88 16.97 -32.52
N LEU D 112 5.30 17.29 -31.37
CA LEU D 112 5.48 18.62 -30.79
C LEU D 112 6.95 18.91 -30.51
N PHE D 113 7.61 17.98 -29.82
CA PHE D 113 9.01 18.12 -29.46
C PHE D 113 10.01 18.01 -30.63
N ARG D 114 9.81 17.07 -31.56
CA ARG D 114 10.73 16.93 -32.72
C ARG D 114 10.61 18.17 -33.64
N TRP D 115 9.41 18.71 -33.73
CA TRP D 115 9.15 19.89 -34.54
C TRP D 115 9.93 21.05 -33.92
N TYR D 116 9.86 21.16 -32.61
CA TYR D 116 10.51 22.24 -31.90
C TYR D 116 12.05 22.19 -32.07
N GLU D 117 12.65 21.00 -32.07
CA GLU D 117 14.09 20.88 -32.25
C GLU D 117 14.59 21.39 -33.62
N VAL D 118 13.88 21.02 -34.70
CA VAL D 118 14.27 21.38 -36.06
C VAL D 118 13.75 22.69 -36.68
N THR D 119 12.60 23.19 -36.24
CA THR D 119 12.05 24.41 -36.81
C THR D 119 12.73 25.69 -36.40
N LYS D 120 12.97 26.59 -37.36
CA LYS D 120 13.59 27.88 -37.07
C LYS D 120 12.49 28.71 -36.48
N LEU D 121 12.73 29.17 -35.27
CA LEU D 121 11.75 29.95 -34.53
C LEU D 121 12.41 31.18 -33.93
N PRO D 122 11.61 32.19 -33.52
CA PRO D 122 10.15 32.29 -33.56
C PRO D 122 9.60 32.56 -34.96
N ILE D 123 8.32 32.27 -35.15
CA ILE D 123 7.60 32.51 -36.42
C ILE D 123 6.55 33.57 -36.12
N PHE D 124 5.90 33.44 -34.97
CA PHE D 124 4.85 34.34 -34.53
C PHE D 124 5.38 35.75 -34.36
N ASN D 125 4.50 36.71 -34.65
CA ASN D 125 4.82 38.13 -34.53
C ASN D 125 3.52 38.79 -34.03
N PRO D 126 3.58 39.47 -32.89
CA PRO D 126 2.35 40.10 -32.38
C PRO D 126 2.05 41.45 -33.00
N GLY D 127 2.96 41.92 -33.87
CA GLY D 127 2.77 43.21 -34.46
C GLY D 127 3.04 44.24 -33.39
N ASP D 128 2.09 45.18 -33.24
CA ASP D 128 2.20 46.25 -32.26
C ASP D 128 1.64 45.89 -30.90
N ALA D 129 1.15 44.64 -30.80
CA ALA D 129 0.65 44.10 -29.55
C ALA D 129 1.87 43.65 -28.75
N ALA D 130 3.06 43.89 -29.30
CA ALA D 130 4.31 43.51 -28.65
C ALA D 130 4.40 44.18 -27.31
N GLN D 131 4.60 43.36 -26.29
CA GLN D 131 4.75 43.87 -24.94
C GLN D 131 6.20 44.04 -24.50
N GLY D 132 7.15 43.43 -25.22
CA GLY D 132 8.56 43.56 -24.88
C GLY D 132 9.26 44.56 -25.80
N VAL D 133 9.55 44.11 -27.02
CA VAL D 133 10.16 44.96 -28.06
C VAL D 133 9.39 44.71 -29.35
N LYS D 134 9.05 45.79 -30.05
CA LYS D 134 8.32 45.69 -31.32
C LYS D 134 9.34 45.43 -32.41
N GLY D 135 8.96 44.70 -33.45
CA GLY D 135 9.91 44.47 -34.53
C GLY D 135 10.14 43.08 -35.11
N ASP D 136 11.41 42.81 -35.40
CA ASP D 136 11.89 41.56 -36.01
C ASP D 136 12.85 40.87 -35.07
N LEU D 137 12.89 39.53 -35.13
CA LEU D 137 13.82 38.77 -34.31
C LEU D 137 14.50 37.69 -35.11
N PRO D 138 15.78 37.47 -34.85
CA PRO D 138 16.53 36.44 -35.57
C PRO D 138 15.89 35.10 -35.20
N MET D 139 15.83 34.19 -36.15
CA MET D 139 15.25 32.87 -35.92
C MET D 139 16.37 31.83 -35.94
N SER D 140 16.16 30.72 -35.24
CA SER D 140 17.16 29.66 -35.21
C SER D 140 16.50 28.38 -34.75
N ALA D 141 17.12 27.27 -35.06
CA ALA D 141 16.65 25.96 -34.64
C ALA D 141 17.57 25.63 -33.46
N SER D 142 16.97 25.29 -32.34
CA SER D 142 17.70 24.98 -31.12
C SER D 142 18.28 23.57 -31.11
N ASP D 143 17.57 22.61 -31.69
CA ASP D 143 17.99 21.20 -31.69
C ASP D 143 17.94 20.69 -30.25
N SER D 144 17.14 21.37 -29.44
CA SER D 144 16.97 20.99 -28.04
C SER D 144 15.64 21.48 -27.48
N VAL D 145 15.05 20.60 -26.71
CA VAL D 145 13.79 20.83 -26.04
C VAL D 145 14.10 21.51 -24.68
N LEU D 146 15.38 21.54 -24.30
CA LEU D 146 15.81 22.16 -23.04
C LEU D 146 16.07 23.65 -23.17
N CYS D 147 15.46 24.42 -22.30
CA CYS D 147 15.57 25.87 -22.26
C CYS D 147 17.00 26.40 -22.20
N HIS D 148 17.85 25.75 -21.41
CA HIS D 148 19.21 26.22 -21.30
C HIS D 148 19.87 26.23 -22.65
N ILE D 149 19.80 25.10 -23.35
CA ILE D 149 20.41 25.00 -24.66
C ILE D 149 19.73 25.87 -25.72
N SER D 150 18.41 25.96 -25.68
CA SER D 150 17.65 26.77 -26.64
C SER D 150 17.95 28.28 -26.53
N VAL D 151 17.86 28.81 -25.31
CA VAL D 151 18.11 30.23 -25.05
C VAL D 151 19.58 30.62 -25.13
N SER D 152 20.45 29.89 -24.44
CA SER D 152 21.89 30.18 -24.41
C SER D 152 22.55 30.23 -25.81
N LYS D 153 22.25 29.24 -26.64
CA LYS D 153 22.79 29.17 -27.99
C LYS D 153 22.38 30.41 -28.79
N TRP D 154 21.08 30.67 -28.81
CA TRP D 154 20.50 31.82 -29.52
C TRP D 154 21.13 33.15 -29.09
N CYS D 155 21.21 33.40 -27.78
CA CYS D 155 21.82 34.65 -27.26
C CYS D 155 23.28 34.74 -27.68
N TYR D 156 24.01 33.62 -27.54
CA TYR D 156 25.43 33.51 -27.89
C TYR D 156 25.68 33.86 -29.34
N GLU D 157 25.01 33.10 -30.21
CA GLU D 157 25.10 33.27 -31.67
C GLU D 157 24.65 34.65 -32.14
N ASN D 158 23.69 35.28 -31.45
CA ASN D 158 23.18 36.60 -31.84
C ASN D 158 23.74 37.79 -31.02
N LYS D 159 24.71 37.49 -30.14
CA LYS D 159 25.35 38.49 -29.28
C LYS D 159 24.36 39.35 -28.51
N ILE D 160 23.25 38.72 -28.11
CA ILE D 160 22.21 39.38 -27.32
C ILE D 160 22.33 38.81 -25.89
N GLU D 161 22.04 39.65 -24.90
CA GLU D 161 22.11 39.23 -23.50
C GLU D 161 20.86 38.46 -23.10
N ALA D 162 21.03 37.40 -22.30
CA ALA D 162 19.92 36.58 -21.82
C ALA D 162 18.99 37.40 -20.92
N THR D 163 19.39 38.66 -20.67
CA THR D 163 18.68 39.61 -19.82
C THR D 163 17.92 40.65 -20.68
N SER D 164 18.28 40.70 -21.96
CA SER D 164 17.72 41.65 -22.92
C SER D 164 16.23 41.55 -23.06
N LYS D 165 15.60 42.67 -23.40
CA LYS D 165 14.15 42.72 -23.63
C LYS D 165 13.84 41.86 -24.84
N GLN D 166 14.84 41.69 -25.70
CA GLN D 166 14.69 40.88 -26.88
C GLN D 166 14.52 39.41 -26.60
N ARG D 167 15.30 38.84 -25.68
CA ARG D 167 15.12 37.41 -25.44
C ARG D 167 13.85 37.13 -24.66
N SER D 168 13.38 38.12 -23.89
CA SER D 168 12.13 37.92 -23.16
C SER D 168 10.98 38.11 -24.20
N GLU D 169 11.22 38.91 -25.23
CA GLU D 169 10.23 39.07 -26.30
C GLU D 169 10.25 37.77 -27.11
N ARG D 170 11.45 37.22 -27.31
CA ARG D 170 11.61 35.95 -28.05
C ARG D 170 10.86 34.79 -27.38
N CYS D 171 11.10 34.60 -26.08
CA CYS D 171 10.45 33.53 -25.36
C CYS D 171 8.94 33.71 -25.41
N GLY D 172 8.50 34.97 -25.43
CA GLY D 172 7.08 35.25 -25.51
C GLY D 172 6.47 34.80 -26.82
N ARG D 173 7.22 34.93 -27.90
CA ARG D 173 6.77 34.54 -29.24
C ARG D 173 6.83 33.03 -29.37
N LEU D 174 7.86 32.45 -28.78
CA LEU D 174 8.02 31.00 -28.80
C LEU D 174 6.82 30.32 -28.12
N THR D 175 6.33 30.92 -27.04
CA THR D 175 5.17 30.39 -26.33
C THR D 175 3.99 30.29 -27.30
N ALA D 176 3.86 31.29 -28.17
CA ALA D 176 2.81 31.36 -29.18
C ALA D 176 2.98 30.28 -30.26
N ASP D 177 4.21 30.13 -30.77
CA ASP D 177 4.50 29.11 -31.80
C ASP D 177 4.21 27.70 -31.28
N ALA D 178 4.57 27.46 -30.03
CA ALA D 178 4.34 26.16 -29.41
C ALA D 178 2.85 25.96 -29.18
N ALA D 179 2.16 27.04 -28.76
CA ALA D 179 0.71 26.99 -28.56
C ALA D 179 0.00 26.70 -29.89
N PHE D 180 0.45 27.37 -30.96
CA PHE D 180 -0.12 27.18 -32.29
C PHE D 180 0.05 25.74 -32.76
N LYS D 181 1.27 25.23 -32.67
CA LYS D 181 1.55 23.85 -33.09
C LYS D 181 0.79 22.81 -32.26
N ALA D 182 0.78 22.97 -30.94
CA ALA D 182 0.08 22.03 -30.06
C ALA D 182 -1.40 22.02 -30.37
N ALA D 183 -1.92 23.21 -30.68
CA ALA D 183 -3.31 23.36 -31.05
C ALA D 183 -3.57 22.51 -32.29
N GLU D 184 -2.71 22.61 -33.31
CA GLU D 184 -2.89 21.83 -34.54
C GLU D 184 -2.86 20.34 -34.27
N ILE D 185 -1.96 19.94 -33.40
CA ILE D 185 -1.82 18.55 -33.02
C ILE D 185 -3.10 18.09 -32.34
N ILE D 186 -3.63 18.87 -31.39
CA ILE D 186 -4.85 18.48 -30.71
C ILE D 186 -5.98 18.32 -31.72
N ASN D 187 -6.12 19.28 -32.63
CA ASN D 187 -7.13 19.21 -33.68
C ASN D 187 -7.02 17.92 -34.47
N THR D 188 -5.80 17.62 -34.95
CA THR D 188 -5.53 16.41 -35.72
C THR D 188 -5.83 15.14 -34.92
N LYS D 189 -5.52 15.15 -33.62
CA LYS D 189 -5.78 13.99 -32.76
C LYS D 189 -7.29 13.74 -32.65
N ILE D 190 -8.05 14.82 -32.45
CA ILE D 190 -9.50 14.71 -32.36
C ILE D 190 -10.03 14.09 -33.67
N ASP D 191 -9.51 14.54 -34.81
CA ASP D 191 -9.93 14.01 -36.11
C ASP D 191 -9.50 12.56 -36.37
N GLN D 192 -8.21 12.28 -36.21
CA GLN D 192 -7.68 10.94 -36.48
C GLN D 192 -7.91 9.85 -35.43
N GLY D 193 -8.50 10.23 -34.29
CA GLY D 193 -8.80 9.29 -33.23
C GLY D 193 -7.60 8.46 -32.84
N LYS D 194 -7.79 7.15 -32.69
CA LYS D 194 -6.67 6.32 -32.31
C LYS D 194 -5.74 6.01 -33.46
N ASP D 195 -5.97 6.63 -34.62
CA ASP D 195 -5.12 6.43 -35.80
C ASP D 195 -3.96 7.42 -35.91
N PHE D 196 -4.00 8.46 -35.08
CA PHE D 196 -3.00 9.52 -35.06
C PHE D 196 -1.58 8.98 -35.15
N LYS D 197 -0.79 9.64 -35.97
CA LYS D 197 0.60 9.27 -36.14
C LYS D 197 1.36 10.57 -36.23
N SER D 198 2.57 10.59 -35.69
CA SER D 198 3.41 11.77 -35.74
C SER D 198 3.89 12.01 -37.17
N THR D 199 3.99 13.28 -37.57
CA THR D 199 4.45 13.63 -38.92
C THR D 199 5.97 13.80 -38.93
N PHE D 200 6.60 13.83 -37.77
CA PHE D 200 8.05 13.96 -37.67
C PHE D 200 8.66 12.63 -37.28
N PRO D 201 9.42 12.02 -38.19
CA PRO D 201 10.08 10.74 -37.94
C PRO D 201 11.13 10.84 -36.84
N MET D 202 11.55 9.70 -36.31
CA MET D 202 12.55 9.69 -35.25
C MET D 202 13.81 10.43 -35.72
N GLN D 203 14.50 11.08 -34.80
CA GLN D 203 15.72 11.81 -35.15
C GLN D 203 16.80 10.77 -35.54
N ALA D 204 17.70 11.17 -36.44
CA ALA D 204 18.78 10.31 -36.93
C ALA D 204 19.65 9.73 -35.83
N SER D 205 20.22 10.60 -35.01
CA SER D 205 21.07 10.16 -33.92
C SER D 205 20.34 9.24 -32.96
N VAL D 206 19.14 9.62 -32.56
CA VAL D 206 18.34 8.80 -31.64
C VAL D 206 18.20 7.37 -32.15
N SER D 207 17.89 7.25 -33.44
CA SER D 207 17.72 5.95 -34.06
C SER D 207 19.01 5.13 -34.11
N SER D 208 20.10 5.71 -34.60
CA SER D 208 21.36 4.95 -34.71
C SER D 208 22.04 4.70 -33.36
N CYS D 209 22.09 5.70 -32.48
CA CYS D 209 22.67 5.52 -31.15
C CYS D 209 21.80 4.52 -30.41
N GLY D 210 20.50 4.71 -30.57
CA GLY D 210 19.49 3.86 -29.95
C GLY D 210 19.64 2.37 -30.21
N GLU D 211 20.26 2.00 -31.32
CA GLU D 211 20.47 0.59 -31.64
C GLU D 211 21.19 -0.15 -30.53
N CYS D 212 22.07 0.55 -29.82
CA CYS D 212 22.80 -0.06 -28.73
C CYS D 212 22.31 0.44 -27.38
N HIS D 213 22.23 1.75 -27.26
CA HIS D 213 21.84 2.36 -26.02
C HIS D 213 20.38 2.38 -25.61
N MET D 214 19.48 2.00 -26.52
CA MET D 214 18.05 1.97 -26.19
C MET D 214 17.38 0.70 -26.68
N THR D 215 18.16 -0.35 -26.88
CA THR D 215 17.58 -1.60 -27.34
C THR D 215 17.72 -2.71 -26.29
N LYS D 216 16.58 -3.10 -25.74
CA LYS D 216 16.50 -4.13 -24.72
C LYS D 216 17.30 -5.36 -25.12
N GLY D 217 18.05 -5.89 -24.17
CA GLY D 217 18.88 -7.05 -24.42
C GLY D 217 20.31 -6.66 -24.75
N ASN D 218 20.50 -5.43 -25.24
CA ASN D 218 21.84 -4.97 -25.59
C ASN D 218 22.70 -4.76 -24.37
N ASP D 219 23.97 -5.14 -24.49
CA ASP D 219 24.95 -5.00 -23.44
C ASP D 219 25.18 -3.53 -23.10
N ALA D 220 24.80 -2.64 -24.02
CA ALA D 220 24.99 -1.20 -23.83
C ALA D 220 23.68 -0.42 -23.62
N ASN D 221 22.58 -1.14 -23.40
CA ASN D 221 21.27 -0.54 -23.20
C ASN D 221 21.11 0.17 -21.85
N TRP D 222 21.75 1.32 -21.69
CA TRP D 222 21.70 2.10 -20.45
C TRP D 222 20.96 3.42 -20.53
N ALA D 223 20.75 3.96 -21.73
CA ALA D 223 20.12 5.27 -21.83
C ALA D 223 18.60 5.43 -21.91
N LYS D 224 18.11 6.50 -21.29
CA LYS D 224 16.70 6.84 -21.32
C LYS D 224 16.60 8.27 -21.82
N GLY D 225 15.65 8.54 -22.69
CA GLY D 225 15.50 9.89 -23.19
C GLY D 225 15.63 9.85 -24.68
N ILE D 226 14.77 10.56 -25.40
CA ILE D 226 14.84 10.58 -26.84
C ILE D 226 15.09 11.98 -27.41
N MET D 227 15.84 12.77 -26.64
CA MET D 227 16.23 14.09 -27.07
C MET D 227 17.29 13.84 -28.13
N ASP D 228 17.47 14.77 -29.05
CA ASP D 228 18.48 14.56 -30.06
C ASP D 228 19.83 14.49 -29.36
N CYS D 229 20.61 13.46 -29.67
CA CYS D 229 21.91 13.27 -29.02
C CYS D 229 23.03 14.24 -29.41
N THR D 230 22.94 14.79 -30.61
CA THR D 230 23.95 15.67 -31.16
C THR D 230 24.58 16.78 -30.34
N PRO D 231 23.76 17.62 -29.70
CA PRO D 231 24.34 18.72 -28.91
C PRO D 231 25.30 18.38 -27.80
N CYS D 232 25.04 17.27 -27.12
CA CYS D 232 25.86 16.88 -25.99
C CYS D 232 26.91 15.81 -26.24
N HIS D 233 26.69 14.95 -27.23
CA HIS D 233 27.64 13.88 -27.50
C HIS D 233 28.45 13.99 -28.81
N SER D 234 28.90 15.21 -29.13
CA SER D 234 29.67 15.45 -30.34
C SER D 234 31.04 16.06 -30.14
N GLY D 235 31.52 16.14 -28.92
CA GLY D 235 32.81 16.73 -28.68
C GLY D 235 33.00 18.12 -29.27
N THR D 236 31.94 18.93 -29.26
CA THR D 236 32.01 20.29 -29.80
C THR D 236 32.87 21.17 -28.90
N ALA D 237 33.20 22.38 -29.35
CA ALA D 237 34.00 23.28 -28.55
C ALA D 237 33.26 23.55 -27.23
N ALA D 238 31.94 23.76 -27.33
CA ALA D 238 31.09 24.05 -26.16
C ALA D 238 31.17 23.00 -25.05
N THR D 239 31.16 21.73 -25.43
CA THR D 239 31.20 20.65 -24.45
C THR D 239 32.60 20.19 -24.05
N GLN D 240 33.61 20.98 -24.43
CA GLN D 240 34.99 20.71 -24.07
C GLN D 240 35.17 21.34 -22.70
N ASN D 241 36.13 20.86 -21.91
CA ASN D 241 36.35 21.38 -20.55
C ASN D 241 36.46 22.89 -20.41
N LYS D 242 35.43 23.50 -19.87
CA LYS D 242 35.42 24.94 -19.67
C LYS D 242 36.02 25.32 -18.31
N PHE D 243 36.28 24.33 -17.46
CA PHE D 243 36.84 24.59 -16.13
C PHE D 243 38.36 24.89 -16.13
N VAL D 244 39.01 24.59 -17.25
CA VAL D 244 40.44 24.80 -17.40
C VAL D 244 40.71 25.60 -18.70
N ASN D 245 41.54 26.63 -18.61
CA ASN D 245 41.90 27.43 -19.77
C ASN D 245 40.74 27.86 -20.63
N HIS D 246 39.87 28.65 -20.06
CA HIS D 246 38.73 29.10 -20.81
C HIS D 246 38.61 30.58 -20.55
N PRO D 247 39.13 31.39 -21.49
CA PRO D 247 39.07 32.84 -21.34
C PRO D 247 37.61 33.26 -21.22
FE HEC E . 3.15 -10.42 37.38
CHA HEC E . 6.26 -11.01 36.17
CHB HEC E . 1.95 -13.21 35.86
CHC HEC E . 0.13 -9.94 38.91
CHD HEC E . 4.17 -7.30 38.35
NA HEC E . 3.93 -11.77 36.22
C1A HEC E . 5.25 -11.93 35.85
C2A HEC E . 5.43 -13.15 35.07
C3A HEC E . 4.22 -13.73 34.88
C4A HEC E . 3.29 -12.88 35.63
CMA HEC E . 3.93 -14.96 34.02
CAA HEC E . 6.77 -13.63 34.55
CBA HEC E . 7.41 -14.82 35.20
CGA HEC E . 7.74 -14.62 36.67
O1A HEC E . 6.83 -14.50 37.51
O2A HEC E . 8.93 -14.66 37.01
NB HEC E . 1.41 -11.36 37.44
C1B HEC E . 1.08 -12.50 36.70
C2B HEC E . -0.33 -12.89 36.88
C3B HEC E . -0.85 -12.06 37.88
C4B HEC E . 0.25 -11.06 38.15
CMB HEC E . -1.05 -13.89 35.99
CAB HEC E . -2.07 -12.24 38.62
CBB HEC E . -2.48 -13.50 39.24
NC HEC E . 2.36 -9.00 38.52
C1C HEC E . 1.10 -8.96 39.09
C2C HEC E . 0.79 -7.65 39.63
C3C HEC E . 1.92 -6.87 39.42
C4C HEC E . 2.89 -7.72 38.75
CMC HEC E . -0.59 -7.20 40.18
CAC HEC E . 2.11 -5.55 39.73
CBC HEC E . 2.00 -5.08 41.09
ND HEC E . 4.87 -9.41 37.32
C1D HEC E . 5.12 -8.10 37.69
C2D HEC E . 6.51 -7.72 37.38
C3D HEC E . 7.09 -8.79 36.88
C4D HEC E . 6.08 -9.82 36.82
CMD HEC E . 7.16 -6.34 37.52
CAD HEC E . 8.52 -8.93 36.35
CBD HEC E . 9.60 -8.85 37.43
CGD HEC E . 9.45 -9.95 38.46
O1D HEC E . 8.87 -9.67 39.54
O2D HEC E . 9.93 -11.07 38.19
FE HEC F . -0.22 -15.82 30.77
CHA HEC F . 3.00 -15.63 29.66
CHB HEC F . 0.10 -12.91 32.38
CHC HEC F . -3.47 -15.80 31.20
CHD HEC F . -0.29 -19.15 29.96
NA HEC F . 1.19 -14.50 30.91
C1A HEC F . 2.45 -14.51 30.31
C2A HEC F . 3.17 -13.27 30.59
C3A HEC F . 2.35 -12.56 31.38
C4A HEC F . 1.16 -13.33 31.59
CMA HEC F . 2.69 -11.19 31.99
CAA HEC F . 4.62 -12.84 30.24
CBA HEC F . 5.78 -13.30 31.13
CGA HEC F . 6.27 -14.71 30.83
O1A HEC F . 6.39 -15.50 31.78
O2A HEC F . 6.53 -15.01 29.64
NB HEC F . -1.43 -14.60 31.62
C1B HEC F . -1.13 -13.51 32.37
C2B HEC F . -2.28 -12.87 32.87
C3B HEC F . -3.37 -13.56 32.39
C4B HEC F . -2.78 -14.68 31.62
CMB HEC F . -2.20 -11.61 33.70
CAB HEC F . -4.76 -13.32 32.57
CBB HEC F . -5.52 -12.36 31.83
NC HEC F . -1.63 -17.15 30.57
C1C HEC F . -2.95 -16.97 30.78
C2C HEC F . -3.66 -18.21 30.57
C3C HEC F . -2.73 -19.16 30.23
C4C HEC F . -1.49 -18.49 30.24
CMC HEC F . -5.18 -18.42 30.71
CAC HEC F . -2.90 -20.50 29.92
CBC HEC F . -3.64 -20.93 28.74
ND HEC F . 1.06 -17.12 30.00
C1D HEC F . 0.92 -18.50 29.87
C2D HEC F . 2.20 -19.13 29.44
C3D HEC F . 3.08 -18.13 29.22
C4D HEC F . 2.38 -16.87 29.57
CMD HEC F . 2.49 -20.61 29.32
CAD HEC F . 4.50 -18.23 28.67
CBD HEC F . 5.60 -18.20 29.73
CGD HEC F . 6.98 -18.27 29.12
O1D HEC F . 7.48 -17.20 28.76
O2D HEC F . 7.54 -19.37 28.94
FE HEC G . 0.86 -37.24 32.42
CHA HEC G . -1.53 -37.00 34.83
CHB HEC G . 0.48 -33.90 31.69
CHC HEC G . 3.49 -37.41 30.19
CHD HEC G . 0.69 -40.65 32.52
NA HEC G . -0.23 -35.73 33.15
C1A HEC G . -1.12 -35.79 34.24
C2A HEC G . -1.62 -34.44 34.53
C3A HEC G . -1.07 -33.56 33.63
C4A HEC G . -0.24 -34.38 32.74
CMA HEC G . -1.30 -32.03 33.62
CAA HEC G . -2.74 -34.07 35.49
CBA HEC G . -2.62 -34.60 36.89
CGA HEC G . -1.56 -33.89 37.66
O1A HEC G . -0.44 -34.44 37.79
O2A HEC G . -1.87 -32.76 38.12
NB HEC G . 1.80 -35.95 31.22
C1B HEC G . 1.46 -34.61 30.99
C2B HEC G . 2.40 -34.00 30.03
C3B HEC G . 3.36 -34.97 29.68
C4B HEC G . 2.92 -36.17 30.40
CMB HEC G . 2.38 -32.53 29.59
CAB HEC G . 4.59 -34.81 28.99
CBB HEC G . 5.62 -33.91 29.43
NC HEC G . 1.91 -38.70 31.58
C1C HEC G . 3.01 -38.60 30.70
C2C HEC G . 3.47 -39.91 30.26
C3C HEC G . 2.64 -40.85 30.84
C4C HEC G . 1.68 -40.08 31.68
CMC HEC G . 4.64 -40.13 29.33
CAC HEC G . 2.66 -42.24 30.73
CBC HEC G . 3.83 -43.05 30.88
ND HEC G . -0.15 -38.58 33.50
C1D HEC G . -0.13 -39.96 33.41
C2D HEC G . -0.98 -40.56 34.44
C3D HEC G . -1.45 -39.58 35.22
C4D HEC G . -1.04 -38.31 34.54
CMD HEC G . -1.39 -42.01 34.60
CAD HEC G . -2.26 -39.79 36.52
CBD HEC G . -1.91 -38.96 37.76
CGD HEC G . -0.48 -39.21 38.24
O1D HEC G . -0.05 -40.38 38.18
O2D HEC G . 0.22 -38.26 38.69
FE HEC H . -2.47 -29.53 29.17
CHA HEC H . -4.83 -30.09 31.47
CHB HEC H . -1.83 -32.92 28.96
CHC HEC H . -0.58 -29.00 26.39
CHD HEC H . -2.45 -26.24 29.84
NA HEC H . -3.16 -31.12 30.11
C1A HEC H . -4.26 -31.19 30.92
C2A HEC H . -4.67 -32.54 31.22
C3A HEC H . -3.71 -33.36 30.62
C4A HEC H . -2.77 -32.46 29.93
CMA HEC H . -3.65 -34.89 30.58
CAA HEC H . -5.88 -32.99 32.07
CBA HEC H . -5.54 -33.19 33.56
CGA HEC H . -5.64 -31.94 34.42
O1A HEC H . -4.69 -31.63 35.16
O2A HEC H . -6.69 -31.27 34.37
NB HEC H . -1.37 -30.72 27.97
C1B HEC H . -1.17 -32.10 28.04
C2B HEC H . -0.39 -32.61 26.90
C3B HEC H . -0.15 -31.50 26.11
C4B HEC H . -0.72 -30.34 26.81
CMB HEC H . 0.12 -34.05 26.67
CAB HEC H . 0.52 -31.48 24.87
CBB HEC H . 0.05 -32.29 23.75
NC HEC H . -1.78 -27.90 28.27
C1C HEC H . -1.05 -27.86 27.08
C2C HEC H . -0.80 -26.49 26.70
C3C HEC H . -1.35 -25.64 27.68
C4C HEC H . -1.91 -26.58 28.65
CMC HEC H . 0.04 -26.07 25.48
CAC HEC H . -1.21 -24.23 27.80
CBC HEC H . -1.73 -23.22 26.84
ND HEC H . -3.35 -28.47 30.47
C1D HEC H . -3.14 -27.13 30.70
C2D HEC H . -4.02 -26.67 31.75
C3D HEC H . -4.79 -27.69 32.16
C4D HEC H . -4.36 -28.82 31.33
CMD HEC H . -4.10 -25.25 32.27
CAD HEC H . -5.85 -27.63 33.27
CBD HEC H . -5.28 -28.02 34.63
CGD HEC H . -6.33 -28.01 35.73
O1D HEC H . -7.16 -28.96 35.80
O2D HEC H . -6.33 -27.03 36.52
FE HEC I . 25.58 25.07 -21.19
CHA HEC I . 25.25 26.19 -24.40
CHB HEC I . 27.07 27.96 -20.21
CHC HEC I . 25.09 24.09 -17.89
CHD HEC I . 24.93 21.88 -22.16
NA HEC I . 26.08 26.71 -22.12
C1A HEC I . 25.76 27.09 -23.44
C2A HEC I . 26.13 28.51 -23.69
C3A HEC I . 26.70 28.92 -22.55
C4A HEC I . 26.73 27.83 -21.58
CMA HEC I . 27.20 30.32 -22.26
CAA HEC I . 25.98 29.32 -24.98
CBA HEC I . 27.14 29.22 -26.00
CGA HEC I . 27.13 27.96 -26.84
O1A HEC I . 28.19 27.26 -26.87
O2A HEC I . 26.10 27.67 -27.49
NB HEC I . 26.01 25.85 -19.42
C1B HEC I . 26.67 27.06 -19.20
C2B HEC I . 26.69 27.38 -17.76
C3B HEC I . 26.07 26.33 -17.08
C4B HEC I . 25.66 25.35 -18.13
CMB HEC I . 27.37 28.58 -17.15
CAB HEC I . 25.95 26.22 -15.67
CBB HEC I . 25.22 27.27 -14.93
NC HEC I . 25.06 23.35 -20.24
C1C HEC I . 24.82 23.14 -18.86
C2C HEC I . 24.35 21.77 -18.62
C3C HEC I . 24.28 21.14 -19.86
C4C HEC I . 24.76 22.13 -20.83
CMC HEC I . 24.06 21.07 -17.30
CAC HEC I . 23.93 19.82 -20.14
CBC HEC I . 22.65 19.15 -19.81
ND HEC I . 25.26 24.23 -22.88
C1D HEC I . 25.17 22.87 -23.12
C2D HEC I . 25.01 22.60 -24.54
C3D HEC I . 25.00 23.88 -25.15
C4D HEC I . 25.11 24.84 -24.13
CMD HEC I . 24.68 21.24 -25.11
CAD HEC I . 24.91 24.25 -26.65
CBD HEC I . 26.23 24.13 -27.41
CGD HEC I . 26.09 24.37 -28.91
O1D HEC I . 25.86 25.55 -29.29
O2D HEC I . 26.22 23.40 -29.70
FE HEC J . 32.56 30.75 -20.75
CHA HEC J . 32.08 31.12 -24.16
CHB HEC J . 30.79 27.74 -20.93
CHC HEC J . 33.22 30.05 -17.46
CHD HEC J . 33.73 33.85 -20.45
NA HEC J . 31.60 29.69 -22.21
C1A HEC J . 31.59 29.94 -23.59
C2A HEC J . 30.97 28.86 -24.33
C3A HEC J . 30.55 27.92 -23.41
C4A HEC J . 30.93 28.46 -22.11
CMA HEC J . 29.89 26.58 -23.70
CAA HEC J . 30.65 28.81 -25.84
CBA HEC J . 31.71 29.01 -26.91
CGA HEC J . 32.55 27.78 -27.18
O1A HEC J . 33.61 27.58 -26.53
O2A HEC J . 32.17 27.01 -28.07
NB HEC J . 32.17 29.23 -19.48
C1B HEC J . 31.37 28.09 -19.70
C2B HEC J . 31.24 27.27 -18.45
C3B HEC J . 32.06 27.84 -17.52
C4B HEC J . 32.58 29.09 -18.16
CMB HEC J . 30.31 26.11 -18.18
CAB HEC J . 32.49 27.29 -16.28
CBB HEC J . 33.12 26.01 -16.18
NC HEC J . 33.33 31.70 -19.28
C1C HEC J . 33.55 31.27 -17.97
C2C HEC J . 34.11 32.30 -17.13
C3C HEC J . 34.15 33.42 -17.89
C4C HEC J . 33.72 33.03 -19.27
CMC HEC J . 34.67 32.04 -15.71
CAC HEC J . 34.57 34.68 -17.45
CBC HEC J . 35.84 34.96 -16.70
ND HEC J . 32.94 32.16 -22.08
C1D HEC J . 33.42 33.44 -21.79
C2D HEC J . 33.50 34.24 -23.03
C3D HEC J . 33.27 33.46 -24.11
C4D HEC J . 32.77 32.17 -23.48
CMD HEC J . 33.65 35.75 -23.13
CAD HEC J . 33.72 33.89 -25.55
CBD HEC J . 34.33 32.85 -26.52
CGD HEC J . 35.65 32.24 -26.02
O1D HEC J . 36.52 33.00 -25.55
O2D HEC J . 35.81 30.99 -26.14
FE HEC K . 27.90 4.46 -27.08
CHA HEC K . 29.65 4.08 -24.31
CHB HEC K . 27.07 7.67 -26.17
CHC HEC K . 26.35 4.93 -30.18
CHD HEC K . 28.00 1.00 -27.70
NA HEC K . 28.25 5.62 -25.54
C1A HEC K . 29.06 5.33 -24.49
C2A HEC K . 29.10 6.46 -23.57
C3A HEC K . 28.31 7.47 -24.04
C4A HEC K . 27.81 6.93 -25.29
CMA HEC K . 28.11 8.81 -23.31
CAA HEC K . 29.88 6.67 -22.27
CBA HEC K . 31.33 6.30 -22.14
CGA HEC K . 32.21 6.93 -23.20
O1A HEC K . 31.93 6.84 -24.42
O2A HEC K . 33.24 7.50 -22.81
NB HEC K . 26.95 5.98 -28.01
C1B HEC K . 26.65 7.23 -27.43
C2B HEC K . 25.85 8.02 -28.35
C3B HEC K . 25.75 7.33 -29.55
C4B HEC K . 26.38 6.01 -29.30
CMB HEC K . 25.31 9.39 -27.97
CAB HEC K . 25.46 7.84 -30.81
CBB HEC K . 26.21 8.95 -31.47
NC HEC K . 27.42 3.27 -28.63
C1C HEC K . 26.85 3.65 -29.88
C2C HEC K . 26.54 2.48 -30.65
C3C HEC K . 26.93 1.38 -29.93
C4C HEC K . 27.49 1.84 -28.69
CMC HEC K . 25.73 2.52 -31.95
CAC HEC K . 26.78 0.04 -30.25
CBC HEC K . 27.36 -0.59 -31.47
ND HEC K . 28.69 2.88 -26.21
C1D HEC K . 28.57 1.49 -26.52
C2D HEC K . 29.26 0.67 -25.53
C3D HEC K . 29.82 1.55 -24.64
C4D HEC K . 29.46 2.93 -25.08
CMD HEC K . 29.44 -0.85 -25.51
CAD HEC K . 30.71 1.19 -23.42
CBD HEC K . 32.15 0.82 -23.76
CGD HEC K . 32.88 1.93 -24.54
O1D HEC K . 33.14 1.74 -25.75
O2D HEC K . 33.19 2.99 -23.94
FE HEC L . 23.57 11.36 -23.03
CHA HEC L . 25.07 10.10 -20.24
CHB HEC L . 23.65 8.37 -24.47
CHC HEC L . 21.36 12.46 -25.27
CHD HEC L . 24.03 14.42 -21.91
NA HEC L . 24.15 9.58 -22.47
C1A HEC L . 24.71 9.19 -21.25
C2A HEC L . 24.93 7.72 -21.21
C3A HEC L . 24.53 7.26 -22.41
C4A HEC L . 24.08 8.41 -23.18
CMA HEC L . 24.71 5.85 -22.88
CAA HEC L . 25.56 6.82 -20.10
CBA HEC L . 27.10 6.71 -20.05
CGA HEC L . 27.78 7.90 -19.39
O1A HEC L . 28.64 8.54 -20.04
O2A HEC L . 27.47 8.17 -18.21
NB HEC L . 22.77 10.61 -24.60
C1B HEC L . 23.01 9.39 -25.13
C2B HEC L . 22.14 9.16 -26.28
C3B HEC L . 21.33 10.25 -26.49
C4B HEC L . 21.76 11.16 -25.39
CMB HEC L . 22.19 7.89 -27.08
CAB HEC L . 20.38 10.45 -27.51
CBB HEC L . 19.06 9.82 -27.60
NC HEC L . 22.88 13.10 -23.57
C1C HEC L . 21.92 13.39 -24.48
C2C HEC L . 21.66 14.82 -24.56
C3C HEC L . 22.49 15.39 -23.63
C4C HEC L . 23.23 14.30 -23.03
CMC HEC L . 20.64 15.53 -25.46
CAC HEC L . 22.61 16.73 -23.23
CBC HEC L . 21.50 17.54 -22.71
ND HEC L . 24.34 12.14 -21.41
C1D HEC L . 24.57 13.42 -21.15
C2D HEC L . 25.46 13.60 -20.01
C3D HEC L . 25.67 12.39 -19.49
C4D HEC L . 24.95 11.47 -20.34
CMD HEC L . 26.16 14.84 -19.60
CAD HEC L . 26.51 12.04 -18.28
CBD HEC L . 27.90 11.47 -18.49
CGD HEC L . 28.64 11.19 -17.17
O1D HEC L . 28.60 10.04 -16.67
O2D HEC L . 29.28 12.14 -16.63
#